data_5S75
#
_entry.id   5S75
#
_cell.length_a   127.489
_cell.length_b   84.711
_cell.length_c   88.084
_cell.angle_alpha   90.000
_cell.angle_beta   131.020
_cell.angle_gamma   90.000
#
_symmetry.space_group_name_H-M   'C 1 2 1'
#
loop_
_entity.id
_entity.type
_entity.pdbx_description
1 polymer 'Activin receptor type-1'
2 non-polymer 4-methyl-3-[4-(1-methylpiperidin-4-yl)phenyl]-5-(3,4,5-trimethoxyphenyl)pyridine
3 non-polymer 1,2-ETHANEDIOL
4 non-polymer 'DIMETHYL SULFOXIDE'
5 non-polymer 'S,R MESO-TARTARIC ACID'
6 non-polymer 1~{H}-1,2,3-triazole
7 non-polymer 'SULFATE ION'
8 water water
#
_entity_poly.entity_id   1
_entity_poly.type   'polypeptide(L)'
_entity_poly.pdbx_seq_one_letter_code
;SMQRTVARDITLLECVGKGRYGEVWRGSWQGENVAVKIFSSRDEKSWFRETELYNTVMLRHENILGFIASDMTSRHSSTQ
LWLITHYHEMGSLYDYLQLTTLDTVSCLRIVLSIASGLAHLHIEIFGTQGKPAIAHRDLKSKNILVKKNGQCCIADLGLA
VMHSQSTNQLDVGNNPRVGTKRYMAPEVLDETIQVDCFDSYKRVDIWAFGLVLWEVARRMVSNGIVEDYKPPFYDVVPND
PSFEDMRKVVCVDQQRPNIPNRWFSDPTLTSLAKLMKECWYQNPSARLTALRIKKTLTKID
;
_entity_poly.pdbx_strand_id   A,B
#
loop_
_chem_comp.id
_chem_comp.type
_chem_comp.name
_chem_comp.formula
DMS non-polymer 'DIMETHYL SULFOXIDE' 'C2 H6 O S'
EDO non-polymer 1,2-ETHANEDIOL 'C2 H6 O2'
HUH non-polymer 1~{H}-1,2,3-triazole 'C2 H3 N3'
LU8 non-polymer 4-methyl-3-[4-(1-methylpiperidin-4-yl)phenyl]-5-(3,4,5-trimethoxyphenyl)pyridine 'C27 H32 N2 O3'
SO4 non-polymer 'SULFATE ION' 'O4 S -2'
SRT non-polymer 'S,R MESO-TARTARIC ACID' 'C4 H6 O6'
#
# COMPACT_ATOMS: atom_id res chain seq x y z
N ARG A 4 -21.92 -34.47 -11.33
CA ARG A 4 -22.65 -33.20 -11.10
C ARG A 4 -22.84 -32.46 -12.44
N THR A 5 -23.83 -31.58 -12.45
CA THR A 5 -24.24 -30.78 -13.62
C THR A 5 -23.33 -29.56 -13.69
N VAL A 6 -22.74 -29.31 -14.86
CA VAL A 6 -21.92 -28.11 -15.12
C VAL A 6 -22.68 -27.29 -16.17
N ALA A 7 -23.47 -26.34 -15.68
CA ALA A 7 -24.33 -25.48 -16.52
C ALA A 7 -23.46 -24.42 -17.17
N ARG A 8 -23.30 -24.49 -18.48
CA ARG A 8 -22.38 -23.63 -19.26
C ARG A 8 -23.17 -22.74 -20.21
N ASP A 9 -24.45 -23.03 -20.42
CA ASP A 9 -25.24 -22.22 -21.40
C ASP A 9 -25.24 -20.77 -20.91
N ILE A 10 -24.92 -19.85 -21.81
CA ILE A 10 -25.10 -18.39 -21.59
C ILE A 10 -26.07 -17.93 -22.66
N THR A 11 -27.17 -17.31 -22.27
CA THR A 11 -28.12 -16.68 -23.22
C THR A 11 -27.56 -15.30 -23.61
N LEU A 12 -27.29 -15.08 -24.88
CA LEU A 12 -26.88 -13.75 -25.37
C LEU A 12 -28.17 -12.95 -25.58
N LEU A 13 -28.30 -11.80 -24.95
CA LEU A 13 -29.57 -11.05 -24.95
C LEU A 13 -29.50 -9.79 -25.80
N GLU A 14 -28.43 -9.00 -25.70
CA GLU A 14 -28.38 -7.65 -26.30
C GLU A 14 -26.92 -7.39 -26.69
N CYS A 15 -26.64 -7.01 -27.93
CA CYS A 15 -25.29 -6.52 -28.33
C CYS A 15 -25.11 -5.09 -27.80
N VAL A 16 -24.07 -4.87 -26.98
CA VAL A 16 -23.81 -3.56 -26.33
C VAL A 16 -22.55 -2.95 -26.91
N GLY A 17 -21.90 -3.60 -27.88
CA GLY A 17 -20.70 -3.06 -28.50
C GLY A 17 -20.29 -3.89 -29.67
N LYS A 18 -19.89 -3.24 -30.76
CA LYS A 18 -19.37 -3.93 -31.96
C LYS A 18 -18.23 -3.09 -32.47
N GLY A 19 -17.16 -3.73 -32.91
CA GLY A 19 -15.98 -3.04 -33.43
C GLY A 19 -15.12 -3.99 -34.21
N ARG A 20 -13.91 -3.55 -34.57
CA ARG A 20 -12.88 -4.42 -35.20
C ARG A 20 -12.51 -5.53 -34.19
N TYR A 21 -12.59 -5.30 -32.87
CA TYR A 21 -12.22 -6.30 -31.82
C TYR A 21 -13.14 -7.53 -31.88
N GLY A 22 -14.34 -7.36 -32.44
CA GLY A 22 -15.45 -8.30 -32.27
C GLY A 22 -16.66 -7.61 -31.67
N GLU A 23 -17.35 -8.27 -30.76
CA GLU A 23 -18.62 -7.77 -30.18
C GLU A 23 -18.64 -7.98 -28.68
N VAL A 24 -19.34 -7.12 -27.92
CA VAL A 24 -19.70 -7.43 -26.52
C VAL A 24 -21.21 -7.54 -26.39
N TRP A 25 -21.65 -8.54 -25.68
CA TRP A 25 -23.07 -8.85 -25.43
C TRP A 25 -23.35 -8.82 -23.95
N ARG A 26 -24.52 -8.32 -23.60
CA ARG A 26 -25.15 -8.65 -22.33
C ARG A 26 -25.63 -10.08 -22.44
N GLY A 27 -25.27 -10.94 -21.51
CA GLY A 27 -25.78 -12.30 -21.48
C GLY A 27 -26.31 -12.61 -20.11
N SER A 28 -26.86 -13.81 -20.00
CA SER A 28 -27.46 -14.31 -18.76
C SER A 28 -26.88 -15.68 -18.47
N TRP A 29 -26.44 -15.88 -17.24
CA TRP A 29 -26.05 -17.20 -16.70
C TRP A 29 -26.71 -17.39 -15.34
N GLN A 30 -27.51 -18.44 -15.19
CA GLN A 30 -28.18 -18.75 -13.91
C GLN A 30 -28.88 -17.51 -13.36
N GLY A 31 -29.56 -16.75 -14.22
CA GLY A 31 -30.47 -15.67 -13.84
C GLY A 31 -29.74 -14.36 -13.56
N GLU A 32 -28.44 -14.29 -13.88
CA GLU A 32 -27.56 -13.13 -13.57
C GLU A 32 -26.94 -12.57 -14.85
N ASN A 33 -26.82 -11.26 -14.94
CA ASN A 33 -26.18 -10.65 -16.13
C ASN A 33 -24.68 -10.97 -16.10
N VAL A 34 -24.17 -11.25 -17.28
CA VAL A 34 -22.71 -11.33 -17.53
C VAL A 34 -22.46 -10.55 -18.82
N ALA A 35 -21.23 -10.11 -19.03
CA ALA A 35 -20.79 -9.52 -20.29
C ALA A 35 -19.98 -10.55 -21.06
N VAL A 36 -20.23 -10.71 -22.34
CA VAL A 36 -19.55 -11.72 -23.15
C VAL A 36 -18.87 -11.02 -24.30
N LYS A 37 -17.56 -10.97 -24.33
CA LYS A 37 -16.78 -10.44 -25.45
C LYS A 37 -16.48 -11.59 -26.41
N ILE A 38 -16.90 -11.47 -27.64
CA ILE A 38 -16.71 -12.49 -28.69
C ILE A 38 -15.63 -11.90 -29.59
N PHE A 39 -14.48 -12.53 -29.69
CA PHE A 39 -13.31 -11.97 -30.39
C PHE A 39 -13.39 -12.24 -31.89
N SER A 40 -13.04 -11.23 -32.66
CA SER A 40 -12.76 -11.40 -34.11
C SER A 40 -11.52 -12.27 -34.29
N SER A 41 -11.40 -12.95 -35.43
CA SER A 41 -10.18 -13.74 -35.74
C SER A 41 -8.98 -12.77 -35.76
N ARG A 42 -9.21 -11.50 -36.13
CA ARG A 42 -8.20 -10.41 -36.22
C ARG A 42 -7.58 -10.14 -34.85
N ASP A 43 -8.34 -10.33 -33.78
CA ASP A 43 -7.90 -9.92 -32.42
C ASP A 43 -7.76 -11.14 -31.50
N GLU A 44 -7.51 -12.34 -32.03
CA GLU A 44 -7.37 -13.55 -31.19
C GLU A 44 -6.24 -13.34 -30.18
N LYS A 45 -5.16 -12.62 -30.47
CA LYS A 45 -4.05 -12.54 -29.52
C LYS A 45 -4.49 -11.81 -28.25
N SER A 46 -5.45 -10.90 -28.34
CA SER A 46 -5.94 -10.20 -27.12
C SER A 46 -6.60 -11.23 -26.21
N TRP A 47 -7.38 -12.18 -26.75
CA TRP A 47 -7.97 -13.24 -25.89
C TRP A 47 -6.85 -14.06 -25.24
N PHE A 48 -5.89 -14.46 -26.04
CA PHE A 48 -4.78 -15.28 -25.49
C PHE A 48 -4.02 -14.55 -24.40
N ARG A 49 -3.73 -13.26 -24.60
CA ARG A 49 -2.94 -12.52 -23.60
C ARG A 49 -3.74 -12.36 -22.30
N GLU A 50 -5.01 -11.98 -22.37
CA GLU A 50 -5.80 -11.80 -21.15
C GLU A 50 -5.98 -13.15 -20.45
N THR A 51 -6.16 -14.21 -21.21
CA THR A 51 -6.31 -15.56 -20.66
C THR A 51 -4.99 -15.98 -19.99
N GLU A 52 -3.87 -15.73 -20.65
CA GLU A 52 -2.57 -16.12 -20.06
C GLU A 52 -2.36 -15.34 -18.76
N LEU A 53 -2.71 -14.05 -18.73
CA LEU A 53 -2.53 -13.24 -17.52
C LEU A 53 -3.40 -13.81 -16.38
N TYR A 54 -4.68 -14.07 -16.62
CA TYR A 54 -5.59 -14.57 -15.57
C TYR A 54 -5.25 -16.00 -15.15
N ASN A 55 -4.58 -16.78 -16.02
CA ASN A 55 -4.06 -18.11 -15.64
C ASN A 55 -2.86 -17.95 -14.75
N THR A 56 -2.15 -16.84 -14.84
CA THR A 56 -0.95 -16.52 -14.02
C THR A 56 -1.37 -15.93 -12.67
N VAL A 57 -2.30 -14.99 -12.68
CA VAL A 57 -2.74 -14.27 -11.46
C VAL A 57 -4.22 -14.00 -11.60
N MET A 58 -5.02 -14.46 -10.64
CA MET A 58 -6.47 -14.22 -10.68
C MET A 58 -6.73 -12.86 -10.00
N LEU A 59 -6.65 -11.80 -10.81
CA LEU A 59 -6.83 -10.45 -10.26
C LEU A 59 -8.23 -10.35 -9.68
N ARG A 60 -8.31 -9.76 -8.50
CA ARG A 60 -9.59 -9.51 -7.84
C ARG A 60 -9.50 -8.15 -7.20
N HIS A 61 -10.16 -7.16 -7.75
CA HIS A 61 -10.10 -5.78 -7.21
C HIS A 61 -11.38 -5.06 -7.64
N GLU A 62 -11.93 -4.26 -6.75
CA GLU A 62 -13.21 -3.55 -7.03
C GLU A 62 -13.07 -2.62 -8.24
N ASN A 63 -11.87 -2.19 -8.61
CA ASN A 63 -11.71 -1.24 -9.73
C ASN A 63 -11.05 -1.89 -10.95
N ILE A 64 -11.11 -3.22 -11.03
N ILE A 64 -11.13 -3.21 -11.04
CA ILE A 64 -10.71 -4.03 -12.21
CA ILE A 64 -10.71 -3.99 -12.22
C ILE A 64 -11.93 -4.84 -12.62
C ILE A 64 -11.90 -4.86 -12.63
N LEU A 65 -12.29 -4.78 -13.89
CA LEU A 65 -13.44 -5.55 -14.40
C LEU A 65 -13.31 -7.02 -13.97
N GLY A 66 -14.37 -7.53 -13.35
CA GLY A 66 -14.27 -8.86 -12.73
C GLY A 66 -14.30 -10.00 -13.73
N PHE A 67 -13.24 -10.81 -13.71
CA PHE A 67 -13.19 -12.01 -14.57
C PHE A 67 -14.15 -13.10 -14.14
N ILE A 68 -14.82 -13.73 -15.09
CA ILE A 68 -15.63 -14.94 -14.83
C ILE A 68 -15.04 -16.13 -15.59
N ALA A 69 -14.80 -15.99 -16.90
CA ALA A 69 -14.36 -17.16 -17.67
C ALA A 69 -13.69 -16.76 -18.97
N SER A 70 -12.83 -17.64 -19.47
CA SER A 70 -12.32 -17.64 -20.85
C SER A 70 -12.76 -18.95 -21.48
N ASP A 71 -13.40 -18.86 -22.62
CA ASP A 71 -13.92 -20.05 -23.31
C ASP A 71 -13.41 -20.09 -24.74
N MET A 72 -12.88 -21.24 -25.11
CA MET A 72 -12.56 -21.58 -26.52
C MET A 72 -13.46 -22.75 -26.92
N THR A 73 -14.18 -22.60 -28.03
CA THR A 73 -15.08 -23.67 -28.54
C THR A 73 -14.69 -23.94 -29.98
N SER A 74 -14.53 -25.22 -30.30
CA SER A 74 -14.25 -25.73 -31.66
C SER A 74 -15.52 -25.58 -32.50
N ARG A 75 -15.40 -24.94 -33.67
CA ARG A 75 -16.48 -24.93 -34.70
C ARG A 75 -15.95 -25.65 -35.94
N HIS A 76 -16.83 -25.97 -36.89
CA HIS A 76 -16.51 -26.79 -38.09
C HIS A 76 -15.20 -26.30 -38.71
N SER A 77 -15.09 -25.00 -38.94
CA SER A 77 -13.99 -24.41 -39.75
C SER A 77 -13.32 -23.25 -39.00
N SER A 78 -13.59 -23.09 -37.70
CA SER A 78 -13.05 -21.95 -36.93
C SER A 78 -13.04 -22.27 -35.43
N THR A 79 -12.35 -21.42 -34.69
CA THR A 79 -12.31 -21.45 -33.20
C THR A 79 -13.05 -20.22 -32.68
N GLN A 80 -14.00 -20.39 -31.77
CA GLN A 80 -14.77 -19.28 -31.16
C GLN A 80 -14.11 -18.96 -29.82
N LEU A 81 -13.80 -17.68 -29.59
CA LEU A 81 -13.12 -17.23 -28.36
C LEU A 81 -13.99 -16.22 -27.64
N TRP A 82 -14.39 -16.56 -26.42
CA TRP A 82 -15.23 -15.69 -25.57
C TRP A 82 -14.49 -15.33 -24.29
N LEU A 83 -14.60 -14.08 -23.83
CA LEU A 83 -14.20 -13.66 -22.50
C LEU A 83 -15.47 -13.25 -21.78
N ILE A 84 -15.69 -13.80 -20.63
CA ILE A 84 -16.92 -13.55 -19.83
C ILE A 84 -16.55 -12.84 -18.56
N THR A 85 -17.18 -11.69 -18.30
CA THR A 85 -16.87 -10.85 -17.15
C THR A 85 -18.16 -10.43 -16.44
N HIS A 86 -18.00 -9.78 -15.30
CA HIS A 86 -19.07 -8.98 -14.71
C HIS A 86 -19.65 -8.03 -15.75
N TYR A 87 -20.93 -7.70 -15.57
CA TYR A 87 -21.67 -6.78 -16.44
C TYR A 87 -21.99 -5.48 -15.69
N HIS A 88 -21.59 -4.35 -16.27
CA HIS A 88 -21.84 -3.02 -15.69
C HIS A 88 -22.83 -2.27 -16.57
N GLU A 89 -24.09 -2.26 -16.14
CA GLU A 89 -25.17 -1.77 -17.02
C GLU A 89 -25.03 -0.28 -17.39
N MET A 90 -24.30 0.52 -16.62
CA MET A 90 -24.15 1.95 -16.93
C MET A 90 -23.22 2.18 -18.10
N GLY A 91 -22.45 1.17 -18.49
CA GLY A 91 -21.60 1.22 -19.66
C GLY A 91 -20.28 1.93 -19.44
N SER A 92 -19.61 2.33 -20.50
CA SER A 92 -18.27 2.89 -20.40
C SER A 92 -18.29 4.32 -19.90
N LEU A 93 -17.18 4.74 -19.33
CA LEU A 93 -17.00 6.16 -18.92
C LEU A 93 -17.10 7.08 -20.14
N TYR A 94 -16.60 6.67 -21.29
CA TYR A 94 -16.69 7.44 -22.54
C TYR A 94 -18.15 7.76 -22.83
N ASP A 95 -19.04 6.78 -22.77
N ASP A 95 -19.00 6.73 -22.75
CA ASP A 95 -20.44 7.13 -23.13
CA ASP A 95 -20.47 6.84 -22.99
C ASP A 95 -21.10 7.85 -21.94
C ASP A 95 -21.08 7.77 -21.95
N TYR A 96 -20.76 7.51 -20.70
CA TYR A 96 -21.40 8.13 -19.54
C TYR A 96 -21.12 9.62 -19.57
N LEU A 97 -19.91 10.02 -19.91
CA LEU A 97 -19.54 11.46 -19.87
C LEU A 97 -20.27 12.24 -20.95
N GLN A 98 -20.78 11.58 -21.96
CA GLN A 98 -21.53 12.31 -22.99
C GLN A 98 -22.95 12.59 -22.46
N LEU A 99 -23.47 11.84 -21.52
CA LEU A 99 -24.90 12.08 -21.19
C LEU A 99 -25.07 12.59 -19.77
N THR A 100 -23.97 12.95 -19.08
CA THR A 100 -24.03 13.43 -17.71
C THR A 100 -22.95 14.47 -17.47
N THR A 101 -23.29 15.44 -16.64
CA THR A 101 -22.29 16.27 -15.94
C THR A 101 -22.06 15.75 -14.53
N LEU A 102 -21.02 16.21 -13.87
CA LEU A 102 -20.56 15.69 -12.59
C LEU A 102 -20.50 16.78 -11.55
N ASP A 103 -20.73 16.45 -10.29
CA ASP A 103 -20.39 17.37 -9.20
C ASP A 103 -18.99 17.02 -8.66
N THR A 104 -18.48 17.72 -7.69
CA THR A 104 -17.13 17.55 -7.12
C THR A 104 -16.99 16.12 -6.60
N VAL A 105 -17.91 15.68 -5.77
CA VAL A 105 -17.81 14.33 -5.15
C VAL A 105 -17.79 13.26 -6.26
N SER A 106 -18.68 13.34 -7.24
N SER A 106 -18.66 13.34 -7.25
CA SER A 106 -18.77 12.32 -8.32
CA SER A 106 -18.74 12.28 -8.30
C SER A 106 -17.49 12.33 -9.16
C SER A 106 -17.51 12.32 -9.20
N CYS A 107 -16.97 13.49 -9.51
CA CYS A 107 -15.73 13.59 -10.29
C CYS A 107 -14.60 12.95 -9.52
N LEU A 108 -14.38 13.31 -8.27
CA LEU A 108 -13.28 12.77 -7.48
C LEU A 108 -13.43 11.24 -7.33
N ARG A 109 -14.65 10.79 -7.09
CA ARG A 109 -14.87 9.35 -6.86
C ARG A 109 -14.50 8.57 -8.12
N ILE A 110 -14.89 9.08 -9.28
CA ILE A 110 -14.52 8.45 -10.57
C ILE A 110 -12.98 8.38 -10.70
N VAL A 111 -12.31 9.51 -10.57
CA VAL A 111 -10.87 9.48 -10.90
C VAL A 111 -10.07 8.75 -9.83
N LEU A 112 -10.46 8.86 -8.56
CA LEU A 112 -9.75 8.11 -7.51
C LEU A 112 -9.96 6.61 -7.72
N SER A 113 -11.14 6.18 -8.14
CA SER A 113 -11.37 4.73 -8.35
C SER A 113 -10.49 4.24 -9.51
N ILE A 114 -10.35 5.06 -10.56
CA ILE A 114 -9.47 4.64 -11.68
C ILE A 114 -8.02 4.54 -11.19
N ALA A 115 -7.58 5.55 -10.45
CA ALA A 115 -6.20 5.53 -9.90
C ALA A 115 -5.98 4.29 -9.01
N SER A 116 -7.00 3.94 -8.26
N SER A 116 -7.00 3.93 -8.24
CA SER A 116 -6.92 2.76 -7.37
CA SER A 116 -6.90 2.75 -7.35
C SER A 116 -6.76 1.47 -8.19
C SER A 116 -6.76 1.47 -8.17
N GLY A 117 -7.57 1.31 -9.23
CA GLY A 117 -7.42 0.14 -10.11
C GLY A 117 -6.05 0.15 -10.76
N LEU A 118 -5.60 1.32 -11.21
CA LEU A 118 -4.34 1.36 -11.95
C LEU A 118 -3.15 1.05 -11.03
N ALA A 119 -3.19 1.60 -9.79
CA ALA A 119 -2.10 1.33 -8.84
C ALA A 119 -2.12 -0.16 -8.52
N HIS A 120 -3.28 -0.79 -8.40
CA HIS A 120 -3.33 -2.24 -8.13
C HIS A 120 -2.67 -2.98 -9.28
N LEU A 121 -2.97 -2.63 -10.51
CA LEU A 121 -2.29 -3.30 -11.65
C LEU A 121 -0.78 -3.12 -11.51
N HIS A 122 -0.33 -1.89 -11.31
CA HIS A 122 1.10 -1.57 -11.37
C HIS A 122 1.93 -2.23 -10.25
N ILE A 123 1.35 -2.48 -9.10
CA ILE A 123 2.18 -2.87 -7.91
C ILE A 123 2.49 -4.36 -7.93
N GLU A 124 3.74 -4.74 -7.70
CA GLU A 124 4.11 -6.14 -7.47
C GLU A 124 3.83 -6.47 -6.01
N ILE A 125 3.14 -7.57 -5.74
CA ILE A 125 2.86 -8.02 -4.35
C ILE A 125 3.55 -9.38 -4.23
N PHE A 126 4.34 -9.58 -3.19
CA PHE A 126 5.05 -10.87 -2.93
C PHE A 126 4.17 -11.79 -2.07
N GLY A 127 4.41 -13.11 -2.16
CA GLY A 127 3.85 -14.13 -1.25
C GLY A 127 2.33 -14.04 -1.12
N GLY A 130 -0.15 -12.97 -3.87
CA GLY A 130 0.53 -11.81 -4.46
C GLY A 130 0.21 -11.68 -5.93
N LYS A 131 1.04 -10.92 -6.66
CA LYS A 131 0.80 -10.67 -8.10
C LYS A 131 2.04 -10.06 -8.71
N PRO A 132 2.29 -10.33 -9.98
CA PRO A 132 3.28 -9.57 -10.72
C PRO A 132 2.79 -8.14 -10.96
N ALA A 133 3.71 -7.22 -11.16
CA ALA A 133 3.40 -5.88 -11.66
C ALA A 133 2.81 -6.04 -13.06
N ILE A 134 1.83 -5.21 -13.41
CA ILE A 134 1.11 -5.27 -14.71
C ILE A 134 0.96 -3.85 -15.22
N ALA A 135 1.35 -3.63 -16.45
CA ALA A 135 1.00 -2.40 -17.19
C ALA A 135 -0.11 -2.70 -18.21
N HIS A 136 -1.07 -1.80 -18.34
CA HIS A 136 -2.31 -1.98 -19.13
C HIS A 136 -2.05 -1.82 -20.63
N ARG A 137 -1.45 -0.69 -21.01
CA ARG A 137 -0.98 -0.37 -22.37
C ARG A 137 -2.12 0.06 -23.30
N ASP A 138 -3.35 0.16 -22.84
CA ASP A 138 -4.40 0.77 -23.68
C ASP A 138 -5.45 1.46 -22.79
N LEU A 139 -4.98 2.26 -21.86
CA LEU A 139 -5.92 2.93 -20.92
C LEU A 139 -6.56 4.08 -21.67
N LYS A 140 -7.86 4.20 -21.55
CA LYS A 140 -8.67 5.23 -22.20
C LYS A 140 -10.08 5.14 -21.62
N SER A 141 -10.92 6.13 -21.91
CA SER A 141 -12.26 6.20 -21.29
C SER A 141 -13.19 5.09 -21.82
N LYS A 142 -12.97 4.59 -23.04
CA LYS A 142 -13.76 3.44 -23.53
C LYS A 142 -13.38 2.17 -22.79
N ASN A 143 -12.23 2.10 -22.16
CA ASN A 143 -11.77 0.89 -21.43
C ASN A 143 -12.00 1.03 -19.94
N ILE A 144 -12.88 1.92 -19.54
CA ILE A 144 -13.27 2.10 -18.11
C ILE A 144 -14.78 2.00 -18.04
N LEU A 145 -15.30 1.19 -17.12
CA LEU A 145 -16.75 1.03 -16.95
CA LEU A 145 -16.75 1.03 -16.95
C LEU A 145 -17.20 1.73 -15.68
N VAL A 146 -18.41 2.23 -15.71
CA VAL A 146 -19.01 2.95 -14.56
C VAL A 146 -19.88 1.97 -13.79
N LYS A 147 -19.70 1.91 -12.47
CA LYS A 147 -20.51 1.05 -11.61
C LYS A 147 -21.62 1.87 -10.95
N LYS A 148 -22.65 1.16 -10.50
CA LYS A 148 -23.81 1.84 -9.89
C LYS A 148 -23.41 2.61 -8.65
N ASN A 149 -22.38 2.19 -7.92
CA ASN A 149 -21.94 2.88 -6.68
C ASN A 149 -21.08 4.12 -6.97
N GLY A 150 -20.89 4.47 -8.24
CA GLY A 150 -20.19 5.71 -8.59
C GLY A 150 -18.70 5.55 -8.77
N GLN A 151 -18.16 4.40 -8.46
CA GLN A 151 -16.77 4.05 -8.78
C GLN A 151 -16.75 3.46 -10.18
N CYS A 152 -15.56 3.41 -10.75
CA CYS A 152 -15.32 2.81 -12.08
C CYS A 152 -14.45 1.56 -11.92
N CYS A 153 -14.35 0.80 -13.01
CA CYS A 153 -13.39 -0.29 -13.09
C CYS A 153 -12.71 -0.31 -14.45
N ILE A 154 -11.47 -0.74 -14.45
CA ILE A 154 -10.63 -0.78 -15.66
C ILE A 154 -10.84 -2.11 -16.37
N ALA A 155 -11.01 -2.06 -17.67
CA ALA A 155 -11.30 -3.22 -18.53
C ALA A 155 -10.22 -3.36 -19.60
N ASP A 156 -10.15 -4.56 -20.16
CA ASP A 156 -9.41 -4.92 -21.40
C ASP A 156 -7.93 -5.06 -21.09
N LEU A 157 -7.48 -6.25 -20.74
CA LEU A 157 -6.07 -6.55 -20.49
C LEU A 157 -5.45 -7.30 -21.67
N GLY A 158 -6.02 -7.09 -22.86
CA GLY A 158 -5.55 -7.79 -24.07
C GLY A 158 -4.22 -7.32 -24.51
N LEU A 159 -3.73 -6.15 -24.08
CA LEU A 159 -2.39 -5.63 -24.43
C LEU A 159 -1.46 -5.61 -23.21
N ALA A 160 -1.96 -6.08 -22.05
CA ALA A 160 -1.25 -5.90 -20.78
C ALA A 160 0.06 -6.68 -20.78
N VAL A 161 1.04 -6.18 -20.07
CA VAL A 161 2.33 -6.86 -19.87
C VAL A 161 2.57 -7.07 -18.38
N MET A 162 3.10 -8.24 -18.05
CA MET A 162 3.41 -8.64 -16.67
C MET A 162 4.93 -8.53 -16.45
N HIS A 163 5.34 -8.12 -15.27
CA HIS A 163 6.79 -8.09 -14.89
C HIS A 163 7.07 -9.28 -13.98
N ARG A 177 -1.62 -5.87 -32.34
CA ARG A 177 -2.34 -4.76 -31.65
C ARG A 177 -1.32 -3.83 -31.01
N VAL A 178 -1.53 -2.51 -31.15
CA VAL A 178 -0.74 -1.47 -30.42
C VAL A 178 -1.75 -0.65 -29.66
N GLY A 179 -1.30 0.24 -28.77
CA GLY A 179 -2.28 1.05 -28.05
C GLY A 179 -3.06 2.02 -28.97
N THR A 180 -4.13 2.59 -28.46
CA THR A 180 -4.90 3.61 -29.19
C THR A 180 -4.06 4.85 -29.40
N LYS A 181 -3.91 5.26 -30.66
CA LYS A 181 -2.92 6.31 -31.01
CA LYS A 181 -2.93 6.30 -31.01
C LYS A 181 -3.21 7.64 -30.31
N ARG A 182 -4.48 8.01 -30.14
CA ARG A 182 -4.81 9.30 -29.52
C ARG A 182 -4.22 9.39 -28.12
N TYR A 183 -4.11 8.25 -27.43
CA TYR A 183 -3.65 8.21 -26.02
C TYR A 183 -2.19 7.82 -25.89
N MET A 184 -1.44 7.70 -26.99
CA MET A 184 -0.04 7.28 -26.89
C MET A 184 0.85 8.39 -26.32
N ALA A 185 1.73 7.99 -25.40
CA ALA A 185 2.74 8.88 -24.81
C ALA A 185 3.78 9.27 -25.85
N PRO A 186 4.48 10.40 -25.61
CA PRO A 186 5.47 10.86 -26.58
C PRO A 186 6.57 9.85 -26.88
N GLU A 187 7.02 9.10 -25.93
CA GLU A 187 8.10 8.11 -26.13
C GLU A 187 7.61 6.97 -26.96
N VAL A 188 6.33 6.68 -27.01
CA VAL A 188 5.79 5.64 -27.92
C VAL A 188 5.81 6.23 -29.33
N LEU A 189 5.32 7.45 -29.48
CA LEU A 189 5.21 8.10 -30.83
C LEU A 189 6.60 8.35 -31.41
N ASP A 190 7.61 8.68 -30.63
CA ASP A 190 8.95 9.00 -31.19
C ASP A 190 9.83 7.76 -31.09
N GLU A 191 9.29 6.63 -30.61
CA GLU A 191 9.95 5.30 -30.63
C GLU A 191 11.23 5.33 -29.82
N THR A 192 11.32 6.17 -28.79
CA THR A 192 12.45 6.22 -27.81
C THR A 192 12.13 5.47 -26.54
N ILE A 193 10.93 4.93 -26.41
CA ILE A 193 10.59 4.15 -25.20
C ILE A 193 11.63 3.03 -24.99
N GLN A 194 12.04 2.89 -23.74
CA GLN A 194 12.98 1.81 -23.34
C GLN A 194 12.18 0.52 -23.14
N VAL A 195 12.07 -0.27 -24.21
CA VAL A 195 11.13 -1.42 -24.41
C VAL A 195 11.49 -2.59 -23.49
N ASP A 196 12.74 -2.64 -22.99
CA ASP A 196 13.26 -3.71 -22.11
C ASP A 196 13.12 -3.30 -20.63
N CYS A 197 12.45 -2.19 -20.32
CA CYS A 197 12.44 -1.63 -18.94
C CYS A 197 10.98 -1.55 -18.49
N PHE A 198 10.57 -2.33 -17.50
CA PHE A 198 9.11 -2.47 -17.23
C PHE A 198 8.56 -1.11 -16.77
N ASP A 199 9.29 -0.28 -16.05
CA ASP A 199 8.78 1.00 -15.53
C ASP A 199 8.36 1.85 -16.75
N SER A 200 8.97 1.65 -17.90
CA SER A 200 8.59 2.44 -19.11
C SER A 200 7.10 2.25 -19.37
N TYR A 201 6.60 1.05 -19.17
CA TYR A 201 5.20 0.77 -19.53
C TYR A 201 4.25 1.39 -18.51
N LYS A 202 4.65 1.40 -17.25
N LYS A 202 4.66 1.41 -17.25
CA LYS A 202 3.83 2.09 -16.20
CA LYS A 202 3.86 2.11 -16.23
C LYS A 202 3.76 3.58 -16.57
C LYS A 202 3.76 3.58 -16.61
N ARG A 203 4.85 4.20 -17.05
CA ARG A 203 4.86 5.63 -17.33
C ARG A 203 4.00 5.92 -18.57
N VAL A 204 3.88 5.02 -19.50
CA VAL A 204 2.96 5.19 -20.64
C VAL A 204 1.52 5.15 -20.11
N ASP A 205 1.21 4.30 -19.13
CA ASP A 205 -0.16 4.27 -18.60
C ASP A 205 -0.44 5.59 -17.89
N ILE A 206 0.54 6.14 -17.18
CA ILE A 206 0.31 7.40 -16.42
C ILE A 206 -0.05 8.54 -17.36
N TRP A 207 0.63 8.63 -18.49
CA TRP A 207 0.27 9.63 -19.52
C TRP A 207 -1.18 9.50 -19.88
N ALA A 208 -1.59 8.28 -20.24
CA ALA A 208 -2.97 8.00 -20.67
C ALA A 208 -3.94 8.34 -19.53
N PHE A 209 -3.58 7.99 -18.30
CA PHE A 209 -4.42 8.35 -17.15
C PHE A 209 -4.62 9.85 -17.08
N GLY A 210 -3.55 10.61 -17.29
CA GLY A 210 -3.74 12.06 -17.24
C GLY A 210 -4.74 12.56 -18.27
N LEU A 211 -4.71 11.97 -19.46
CA LEU A 211 -5.72 12.32 -20.48
C LEU A 211 -7.14 11.99 -20.04
N VAL A 212 -7.32 10.82 -19.40
CA VAL A 212 -8.63 10.43 -18.88
C VAL A 212 -9.05 11.40 -17.78
N LEU A 213 -8.11 11.80 -16.93
CA LEU A 213 -8.41 12.79 -15.87
C LEU A 213 -8.97 14.07 -16.51
N TRP A 214 -8.32 14.53 -17.59
CA TRP A 214 -8.76 15.73 -18.31
C TRP A 214 -10.15 15.52 -18.88
N GLU A 215 -10.44 14.37 -19.50
CA GLU A 215 -11.79 14.11 -20.07
C GLU A 215 -12.87 14.22 -19.00
N VAL A 216 -12.61 13.71 -17.82
CA VAL A 216 -13.60 13.68 -16.73
C VAL A 216 -13.75 15.07 -16.12
N ALA A 217 -12.65 15.74 -15.89
CA ALA A 217 -12.65 17.06 -15.20
C ALA A 217 -13.46 18.05 -16.03
N ARG A 218 -13.38 17.98 -17.34
CA ARG A 218 -14.13 18.90 -18.21
C ARG A 218 -15.62 18.81 -17.88
N ARG A 219 -16.11 17.65 -17.45
CA ARG A 219 -17.55 17.43 -17.23
C ARG A 219 -17.95 17.77 -15.80
N MET A 220 -17.07 18.22 -14.97
CA MET A 220 -17.36 18.66 -13.58
C MET A 220 -17.85 20.10 -13.64
N VAL A 221 -19.05 20.36 -13.12
CA VAL A 221 -19.63 21.73 -13.08
C VAL A 221 -18.93 22.58 -12.04
N SER A 222 -18.61 23.84 -12.36
CA SER A 222 -18.19 24.81 -11.34
C SER A 222 -18.78 26.15 -11.75
N ASN A 223 -19.32 26.90 -10.78
N ASN A 223 -19.38 26.84 -10.78
CA ASN A 223 -19.92 28.25 -11.03
CA ASN A 223 -19.89 28.22 -10.99
C ASN A 223 -20.85 28.20 -12.25
C ASN A 223 -20.83 28.20 -12.21
N GLY A 224 -21.66 27.14 -12.39
CA GLY A 224 -22.65 27.03 -13.45
C GLY A 224 -22.11 26.76 -14.84
N ILE A 225 -20.83 26.40 -14.91
CA ILE A 225 -20.09 26.23 -16.18
C ILE A 225 -19.65 24.75 -16.25
N VAL A 226 -19.69 24.25 -17.45
CA VAL A 226 -19.12 22.90 -17.77
C VAL A 226 -18.64 22.92 -19.22
N GLU A 227 -17.61 22.13 -19.55
CA GLU A 227 -17.26 21.93 -20.96
C GLU A 227 -18.06 20.75 -21.52
N ASP A 228 -18.30 20.77 -22.81
CA ASP A 228 -18.85 19.65 -23.58
C ASP A 228 -17.85 18.50 -23.49
N TYR A 229 -18.34 17.28 -23.59
CA TYR A 229 -17.42 16.13 -23.70
C TYR A 229 -16.64 16.31 -25.00
N LYS A 230 -15.35 16.12 -24.88
CA LYS A 230 -14.45 15.97 -26.06
C LYS A 230 -13.39 14.94 -25.72
N PRO A 231 -12.87 14.23 -26.74
CA PRO A 231 -11.75 13.35 -26.54
C PRO A 231 -10.48 14.17 -26.49
N PRO A 232 -9.38 13.62 -25.91
CA PRO A 232 -8.13 14.36 -25.85
C PRO A 232 -7.69 14.72 -27.27
N PHE A 233 -7.18 15.93 -27.43
CA PHE A 233 -6.60 16.42 -28.71
C PHE A 233 -7.66 16.62 -29.79
N TYR A 234 -8.92 16.70 -29.41
CA TYR A 234 -10.04 16.90 -30.37
C TYR A 234 -9.81 18.12 -31.25
N ASP A 235 -9.12 19.11 -30.74
CA ASP A 235 -8.92 20.42 -31.42
C ASP A 235 -7.70 20.45 -32.30
N VAL A 236 -6.88 19.41 -32.32
CA VAL A 236 -5.60 19.47 -33.08
C VAL A 236 -5.37 18.28 -33.97
N VAL A 237 -6.14 17.19 -33.89
CA VAL A 237 -5.98 16.03 -34.77
C VAL A 237 -7.33 15.63 -35.32
N PRO A 238 -7.37 14.96 -36.48
CA PRO A 238 -8.63 14.44 -37.00
C PRO A 238 -9.20 13.28 -36.18
N ASN A 239 -10.43 12.88 -36.48
CA ASN A 239 -10.88 11.53 -36.07
C ASN A 239 -9.94 10.47 -36.62
N ASP A 240 -9.70 9.38 -35.89
CA ASP A 240 -8.78 8.29 -36.28
C ASP A 240 -7.47 8.92 -36.72
N PRO A 241 -6.83 9.66 -35.82
CA PRO A 241 -5.61 10.35 -36.15
C PRO A 241 -4.53 9.34 -36.50
N SER A 242 -3.69 9.72 -37.45
CA SER A 242 -2.56 8.85 -37.80
C SER A 242 -1.48 8.88 -36.74
N PHE A 243 -0.54 7.97 -36.79
CA PHE A 243 0.63 7.98 -35.92
C PHE A 243 1.38 9.29 -36.11
N GLU A 244 1.58 9.73 -37.36
CA GLU A 244 2.29 10.98 -37.65
C GLU A 244 1.51 12.20 -37.13
N ASP A 245 0.18 12.19 -37.27
CA ASP A 245 -0.62 13.30 -36.73
C ASP A 245 -0.33 13.45 -35.24
N MET A 246 -0.34 12.34 -34.52
CA MET A 246 -0.10 12.40 -33.08
C MET A 246 1.33 12.74 -32.74
N ARG A 247 2.30 12.24 -33.49
CA ARG A 247 3.71 12.54 -33.20
C ARG A 247 3.96 14.03 -33.37
N LYS A 248 3.40 14.65 -34.41
CA LYS A 248 3.64 16.09 -34.62
CA LYS A 248 3.63 16.09 -34.63
C LYS A 248 3.07 16.88 -33.44
N VAL A 249 1.88 16.55 -32.96
CA VAL A 249 1.25 17.30 -31.87
C VAL A 249 2.04 17.09 -30.59
N VAL A 250 2.24 15.83 -30.22
CA VAL A 250 2.73 15.45 -28.87
C VAL A 250 4.25 15.57 -28.75
N CYS A 251 5.00 15.19 -29.78
CA CYS A 251 6.47 15.13 -29.75
C CYS A 251 7.07 16.39 -30.35
N VAL A 252 6.65 16.77 -31.53
CA VAL A 252 7.38 17.86 -32.23
C VAL A 252 6.95 19.18 -31.62
N ASP A 253 5.67 19.45 -31.57
CA ASP A 253 5.15 20.74 -31.04
C ASP A 253 4.98 20.68 -29.54
N GLN A 254 4.96 19.50 -28.93
CA GLN A 254 4.86 19.34 -27.46
C GLN A 254 3.57 19.96 -26.93
N GLN A 255 2.47 19.86 -27.67
CA GLN A 255 1.17 20.31 -27.19
C GLN A 255 0.64 19.37 -26.10
N ARG A 256 -0.15 19.99 -25.24
CA ARG A 256 -0.90 19.27 -24.18
C ARG A 256 -2.33 19.77 -24.19
N PRO A 257 -3.29 18.99 -23.67
CA PRO A 257 -4.68 19.45 -23.61
C PRO A 257 -4.82 20.78 -22.87
N ASN A 258 -5.68 21.63 -23.37
N ASN A 258 -5.76 21.60 -23.37
CA ASN A 258 -5.78 22.97 -22.76
CA ASN A 258 -6.08 22.97 -22.86
C ASN A 258 -6.64 22.90 -21.50
C ASN A 258 -6.68 22.86 -21.45
N ILE A 259 -6.25 23.71 -20.53
CA ILE A 259 -6.94 23.86 -19.22
C ILE A 259 -7.75 25.14 -19.31
N PRO A 260 -9.09 25.09 -19.30
CA PRO A 260 -9.92 26.30 -19.36
C PRO A 260 -9.72 27.20 -18.14
N ASN A 261 -9.84 28.52 -18.40
CA ASN A 261 -9.74 29.50 -17.31
C ASN A 261 -10.69 29.20 -16.16
N ARG A 262 -11.91 28.78 -16.48
CA ARG A 262 -12.92 28.58 -15.40
C ARG A 262 -12.46 27.56 -14.37
N TRP A 263 -11.53 26.64 -14.69
CA TRP A 263 -11.04 25.69 -13.69
C TRP A 263 -10.36 26.41 -12.53
N PHE A 264 -9.70 27.57 -12.81
CA PHE A 264 -8.85 28.25 -11.83
C PHE A 264 -9.72 29.07 -10.84
N SER A 265 -11.04 29.08 -10.99
CA SER A 265 -11.96 29.60 -9.93
C SER A 265 -12.36 28.47 -8.99
N ASP A 266 -12.06 27.21 -9.30
CA ASP A 266 -12.56 26.07 -8.50
C ASP A 266 -11.39 25.34 -7.86
N PRO A 267 -11.31 25.17 -6.53
CA PRO A 267 -10.15 24.56 -5.92
C PRO A 267 -9.91 23.11 -6.41
N THR A 268 -10.97 22.34 -6.59
CA THR A 268 -10.84 20.94 -7.04
C THR A 268 -10.26 20.93 -8.46
N LEU A 269 -10.79 21.71 -9.37
CA LEU A 269 -10.28 21.66 -10.76
C LEU A 269 -8.88 22.26 -10.83
N THR A 270 -8.57 23.22 -9.98
CA THR A 270 -7.19 23.79 -9.92
C THR A 270 -6.22 22.67 -9.51
N SER A 271 -6.55 21.88 -8.48
CA SER A 271 -5.73 20.75 -8.02
C SER A 271 -5.64 19.67 -9.11
N LEU A 272 -6.74 19.41 -9.79
CA LEU A 272 -6.75 18.36 -10.84
C LEU A 272 -5.87 18.82 -12.01
N ALA A 273 -5.93 20.09 -12.38
CA ALA A 273 -5.06 20.61 -13.45
C ALA A 273 -3.59 20.36 -13.11
N LYS A 274 -3.18 20.60 -11.87
CA LYS A 274 -1.79 20.39 -11.44
C LYS A 274 -1.44 18.92 -11.58
N LEU A 275 -2.36 18.05 -11.19
CA LEU A 275 -2.12 16.61 -11.26
C LEU A 275 -1.96 16.15 -12.70
N MET A 276 -2.81 16.62 -13.60
CA MET A 276 -2.70 16.30 -15.06
C MET A 276 -1.34 16.69 -15.56
N LYS A 277 -0.89 17.90 -15.25
CA LYS A 277 0.41 18.40 -15.71
C LYS A 277 1.49 17.40 -15.31
N GLU A 278 1.39 16.79 -14.13
N GLU A 278 1.40 16.81 -14.12
CA GLU A 278 2.44 15.91 -13.59
CA GLU A 278 2.44 15.92 -13.54
C GLU A 278 2.34 14.51 -14.15
C GLU A 278 2.33 14.51 -14.13
N CYS A 279 1.31 14.24 -14.94
CA CYS A 279 1.22 12.99 -15.74
C CYS A 279 1.71 13.20 -17.16
N TRP A 280 1.96 14.43 -17.57
CA TRP A 280 2.21 14.77 -19.00
C TRP A 280 3.60 15.27 -19.28
N TYR A 281 4.52 15.12 -18.35
CA TYR A 281 5.92 15.54 -18.64
C TYR A 281 6.44 14.79 -19.84
N GLN A 282 7.22 15.45 -20.72
CA GLN A 282 7.92 14.78 -21.83
CA GLN A 282 7.91 14.79 -21.84
C GLN A 282 8.83 13.67 -21.30
N ASN A 283 9.52 13.94 -20.19
CA ASN A 283 10.47 13.00 -19.59
C ASN A 283 9.65 12.00 -18.79
N PRO A 284 9.57 10.75 -19.25
CA PRO A 284 8.71 9.75 -18.58
C PRO A 284 9.02 9.58 -17.09
N SER A 285 10.31 9.70 -16.72
CA SER A 285 10.78 9.52 -15.33
C SER A 285 10.28 10.61 -14.41
N ALA A 286 9.84 11.76 -14.96
CA ALA A 286 9.33 12.90 -14.16
C ALA A 286 7.87 12.71 -13.78
N ARG A 287 7.18 11.79 -14.45
CA ARG A 287 5.74 11.66 -14.21
C ARG A 287 5.49 11.04 -12.82
N LEU A 288 4.37 11.40 -12.24
CA LEU A 288 3.89 10.85 -10.95
C LEU A 288 3.65 9.37 -11.12
N THR A 289 3.75 8.62 -10.03
CA THR A 289 3.35 7.21 -9.97
C THR A 289 1.86 7.13 -9.63
N ALA A 290 1.27 5.98 -9.95
CA ALA A 290 -0.16 5.76 -9.64
C ALA A 290 -0.41 5.89 -8.12
N LEU A 291 0.52 5.37 -7.32
CA LEU A 291 0.36 5.52 -5.85
C LEU A 291 0.40 6.97 -5.44
N ARG A 292 1.28 7.78 -6.02
CA ARG A 292 1.33 9.21 -5.64
C ARG A 292 0.05 9.93 -6.09
N ILE A 293 -0.46 9.58 -7.28
CA ILE A 293 -1.74 10.14 -7.78
C ILE A 293 -2.86 9.82 -6.77
N LYS A 294 -2.93 8.57 -6.32
CA LYS A 294 -3.94 8.18 -5.34
C LYS A 294 -3.85 9.06 -4.09
N LYS A 295 -2.64 9.22 -3.58
CA LYS A 295 -2.48 10.02 -2.34
C LYS A 295 -2.97 11.44 -2.63
N THR A 296 -2.52 12.04 -3.74
CA THR A 296 -2.89 13.43 -4.06
C THR A 296 -4.41 13.54 -4.16
N LEU A 297 -5.08 12.58 -4.78
CA LEU A 297 -6.54 12.67 -4.96
C LEU A 297 -7.25 12.52 -3.60
N THR A 298 -6.72 11.71 -2.71
CA THR A 298 -7.35 11.55 -1.37
C THR A 298 -7.24 12.85 -0.57
N LYS A 299 -6.27 13.73 -0.86
CA LYS A 299 -6.10 14.99 -0.10
C LYS A 299 -6.89 16.13 -0.77
N ILE A 300 -7.47 15.92 -1.96
CA ILE A 300 -8.26 16.98 -2.66
C ILE A 300 -9.68 16.94 -2.09
N ASP A 301 -10.05 18.07 -1.47
CA ASP A 301 -11.33 18.38 -0.76
C ASP A 301 -11.33 17.77 0.65
N ALA B 7 28.18 -26.80 27.72
CA ALA B 7 26.75 -27.16 28.03
C ALA B 7 25.82 -26.37 27.10
N ARG B 8 25.42 -27.01 25.99
CA ARG B 8 24.59 -26.36 24.93
C ARG B 8 23.18 -26.97 24.91
N ASP B 9 22.90 -28.05 25.64
CA ASP B 9 21.59 -28.74 25.51
C ASP B 9 20.47 -27.86 26.06
N ILE B 10 19.27 -28.03 25.51
CA ILE B 10 18.08 -27.24 25.91
C ILE B 10 16.91 -28.20 26.05
N THR B 11 16.10 -28.04 27.09
CA THR B 11 14.84 -28.78 27.26
C THR B 11 13.65 -27.85 27.02
N LEU B 12 12.80 -28.17 26.06
CA LEU B 12 11.58 -27.37 25.77
C LEU B 12 10.48 -27.74 26.76
N LEU B 13 10.02 -26.81 27.58
CA LEU B 13 9.11 -27.13 28.71
C LEU B 13 7.67 -26.72 28.42
N GLU B 14 7.42 -25.55 27.85
CA GLU B 14 6.01 -25.14 27.53
C GLU B 14 5.96 -24.12 26.38
N CYS B 15 4.95 -24.29 25.55
CA CYS B 15 4.67 -23.35 24.46
C CYS B 15 4.05 -22.09 25.05
N VAL B 16 4.65 -20.92 24.80
CA VAL B 16 4.13 -19.64 25.34
C VAL B 16 3.57 -18.79 24.21
N GLY B 17 3.57 -19.29 22.98
CA GLY B 17 3.14 -18.50 21.81
C GLY B 17 3.18 -19.33 20.54
N LYS B 18 2.15 -19.22 19.71
CA LYS B 18 2.05 -19.98 18.44
C LYS B 18 1.22 -19.11 17.50
N GLY B 19 1.69 -18.97 16.26
CA GLY B 19 1.02 -18.13 15.25
C GLY B 19 1.59 -18.44 13.89
N ARG B 20 1.37 -17.54 12.94
CA ARG B 20 1.93 -17.66 11.57
C ARG B 20 3.47 -17.54 11.64
N TYR B 21 4.01 -16.83 12.64
CA TYR B 21 5.48 -16.62 12.80
C TYR B 21 6.17 -17.98 13.03
N GLY B 22 5.47 -18.94 13.62
CA GLY B 22 6.12 -20.11 14.23
C GLY B 22 5.66 -20.22 15.66
N GLU B 23 6.57 -20.57 16.56
CA GLU B 23 6.20 -20.82 17.97
C GLU B 23 7.31 -20.32 18.88
N VAL B 24 6.98 -19.98 20.12
CA VAL B 24 7.99 -19.66 21.13
C VAL B 24 7.75 -20.61 22.29
N TRP B 25 8.82 -21.15 22.81
CA TRP B 25 8.84 -22.08 23.96
C TRP B 25 9.63 -21.48 25.10
N ARG B 26 9.16 -21.72 26.33
CA ARG B 26 10.02 -21.63 27.50
C ARG B 26 10.83 -22.91 27.55
N GLY B 27 12.13 -22.80 27.59
CA GLY B 27 13.03 -23.95 27.74
C GLY B 27 13.94 -23.78 28.94
N SER B 28 14.61 -24.85 29.32
CA SER B 28 15.66 -24.85 30.36
C SER B 28 17.04 -25.07 29.72
N TRP B 29 18.04 -24.27 30.06
CA TRP B 29 19.44 -24.32 29.54
C TRP B 29 20.40 -23.93 30.66
N GLN B 30 21.30 -24.85 31.05
CA GLN B 30 22.25 -24.61 32.18
C GLN B 30 21.46 -24.10 33.38
N GLY B 31 20.37 -24.79 33.76
CA GLY B 31 19.56 -24.47 34.95
C GLY B 31 18.69 -23.23 34.83
N GLU B 32 18.75 -22.49 33.71
CA GLU B 32 18.08 -21.16 33.53
C GLU B 32 16.92 -21.28 32.53
N ASN B 33 15.85 -20.48 32.68
CA ASN B 33 14.82 -20.31 31.63
C ASN B 33 15.46 -19.59 30.45
N VAL B 34 15.13 -20.09 29.26
CA VAL B 34 15.47 -19.40 27.98
C VAL B 34 14.20 -19.42 27.17
N ALA B 35 14.12 -18.50 26.20
CA ALA B 35 13.06 -18.48 25.20
C ALA B 35 13.62 -19.06 23.87
N VAL B 36 12.87 -19.97 23.30
CA VAL B 36 13.27 -20.63 22.05
C VAL B 36 12.18 -20.39 21.04
N LYS B 37 12.51 -19.61 20.01
CA LYS B 37 11.60 -19.34 18.88
C LYS B 37 11.95 -20.32 17.75
N ILE B 38 10.96 -21.04 17.28
CA ILE B 38 11.08 -21.94 16.12
C ILE B 38 10.30 -21.30 14.99
N PHE B 39 10.97 -20.88 13.93
CA PHE B 39 10.32 -20.08 12.88
C PHE B 39 9.55 -20.98 11.94
N SER B 40 8.45 -20.46 11.40
CA SER B 40 7.77 -21.12 10.26
C SER B 40 8.65 -21.04 9.01
N SER B 41 8.60 -21.99 8.09
CA SER B 41 9.36 -21.86 6.82
C SER B 41 8.90 -20.62 6.05
N ARG B 42 7.67 -20.21 6.24
CA ARG B 42 7.14 -19.02 5.54
C ARG B 42 7.94 -17.78 5.98
N ASP B 43 8.67 -17.85 7.09
N ASP B 43 8.59 -17.81 7.16
CA ASP B 43 9.31 -16.65 7.65
CA ASP B 43 9.28 -16.64 7.79
C ASP B 43 10.83 -16.84 7.78
C ASP B 43 10.82 -16.85 7.81
N GLU B 44 11.39 -17.63 6.90
CA GLU B 44 12.82 -17.98 6.97
C GLU B 44 13.66 -16.71 6.78
N LYS B 45 13.17 -15.70 6.03
CA LYS B 45 13.97 -14.49 5.80
C LYS B 45 14.02 -13.64 7.08
N SER B 46 13.01 -13.69 7.94
CA SER B 46 13.07 -13.02 9.24
C SER B 46 14.13 -13.67 10.11
N TRP B 47 14.20 -14.97 10.14
CA TRP B 47 15.23 -15.66 10.95
C TRP B 47 16.62 -15.18 10.53
N PHE B 48 16.90 -15.18 9.24
CA PHE B 48 18.24 -14.81 8.78
C PHE B 48 18.53 -13.35 9.12
N ARG B 49 17.55 -12.47 8.92
CA ARG B 49 17.75 -11.05 9.20
C ARG B 49 18.04 -10.82 10.71
N GLU B 50 17.29 -11.49 11.57
CA GLU B 50 17.47 -11.32 13.02
C GLU B 50 18.86 -11.80 13.39
N THR B 51 19.31 -12.89 12.75
CA THR B 51 20.65 -13.45 12.99
C THR B 51 21.74 -12.45 12.56
N GLU B 52 21.55 -11.83 11.41
CA GLU B 52 22.48 -10.75 10.94
C GLU B 52 22.54 -9.65 11.99
N LEU B 53 21.38 -9.24 12.51
CA LEU B 53 21.34 -8.09 13.47
C LEU B 53 22.04 -8.48 14.78
N TYR B 54 21.81 -9.69 15.29
CA TYR B 54 22.39 -10.13 16.57
C TYR B 54 23.88 -10.50 16.45
N ASN B 55 24.44 -10.56 15.24
CA ASN B 55 25.90 -10.67 15.09
C ASN B 55 26.61 -9.47 15.69
N THR B 56 25.95 -8.33 15.82
CA THR B 56 26.59 -7.09 16.33
C THR B 56 26.70 -7.14 17.86
N VAL B 57 27.92 -7.29 18.40
CA VAL B 57 28.11 -7.36 19.88
C VAL B 57 27.59 -6.07 20.53
N MET B 58 27.79 -4.88 19.96
CA MET B 58 27.32 -3.59 20.60
C MET B 58 25.82 -3.31 20.42
N LEU B 59 25.08 -4.23 19.82
CA LEU B 59 23.61 -4.19 19.90
C LEU B 59 23.14 -4.42 21.34
N ARG B 60 23.88 -5.16 22.16
CA ARG B 60 23.47 -5.56 23.52
C ARG B 60 23.12 -4.31 24.34
N HIS B 61 21.98 -4.37 25.01
CA HIS B 61 21.40 -3.20 25.73
C HIS B 61 20.31 -3.70 26.65
N GLU B 62 20.19 -3.06 27.81
CA GLU B 62 19.17 -3.43 28.82
C GLU B 62 17.77 -3.43 28.20
N ASN B 63 17.50 -2.59 27.21
CA ASN B 63 16.13 -2.47 26.65
C ASN B 63 16.04 -3.13 25.27
N ILE B 64 16.91 -4.07 24.91
CA ILE B 64 16.80 -4.89 23.69
C ILE B 64 16.87 -6.34 24.14
N LEU B 65 15.96 -7.16 23.68
CA LEU B 65 15.94 -8.59 24.06
C LEU B 65 17.29 -9.23 23.81
N GLY B 66 17.82 -9.87 24.84
CA GLY B 66 19.17 -10.41 24.85
C GLY B 66 19.25 -11.75 24.13
N PHE B 67 20.15 -11.80 23.18
CA PHE B 67 20.42 -12.96 22.34
C PHE B 67 21.34 -14.00 23.02
N ILE B 68 21.07 -15.26 22.85
CA ILE B 68 21.97 -16.36 23.31
C ILE B 68 22.52 -17.10 22.07
N ALA B 69 21.66 -17.55 21.17
CA ALA B 69 22.14 -18.36 20.02
C ALA B 69 21.12 -18.31 18.89
N SER B 70 21.58 -18.60 17.65
CA SER B 70 20.74 -18.78 16.47
C SER B 70 21.21 -20.04 15.76
N ASP B 71 20.30 -20.87 15.34
CA ASP B 71 20.69 -22.10 14.62
C ASP B 71 19.79 -22.32 13.43
N MET B 72 20.40 -22.83 12.37
CA MET B 72 19.68 -23.46 11.29
C MET B 72 20.12 -24.93 11.25
N THR B 73 19.17 -25.86 11.32
CA THR B 73 19.50 -27.30 11.37
C THR B 73 18.76 -27.99 10.24
N SER B 74 19.36 -29.03 9.68
CA SER B 74 18.65 -29.78 8.64
C SER B 74 19.16 -31.21 8.51
N ARG B 75 18.23 -32.07 8.19
CA ARG B 75 18.54 -33.41 7.68
C ARG B 75 17.56 -33.67 6.56
N HIS B 76 18.04 -34.25 5.45
CA HIS B 76 17.22 -34.52 4.28
C HIS B 76 16.55 -33.20 3.86
N SER B 77 15.26 -33.15 3.60
CA SER B 77 14.63 -31.93 3.03
C SER B 77 14.00 -31.05 4.09
N SER B 78 14.19 -31.34 5.34
CA SER B 78 13.57 -30.63 6.50
C SER B 78 14.61 -29.67 7.06
N THR B 79 14.19 -28.42 7.30
CA THR B 79 15.03 -27.40 7.94
C THR B 79 14.30 -26.82 9.15
N GLN B 80 15.00 -26.67 10.24
CA GLN B 80 14.45 -25.94 11.41
C GLN B 80 15.30 -24.69 11.63
N LEU B 81 14.62 -23.64 12.06
CA LEU B 81 15.26 -22.34 12.31
C LEU B 81 14.95 -21.93 13.73
N TRP B 82 15.97 -21.68 14.51
CA TRP B 82 15.88 -21.50 15.97
C TRP B 82 16.49 -20.17 16.35
N LEU B 83 15.84 -19.42 17.23
CA LEU B 83 16.45 -18.24 17.89
C LEU B 83 16.29 -18.47 19.39
N ILE B 84 17.36 -18.39 20.14
CA ILE B 84 17.36 -18.59 21.62
C ILE B 84 17.73 -17.28 22.28
N THR B 85 16.89 -16.80 23.21
CA THR B 85 17.06 -15.50 23.88
C THR B 85 16.87 -15.68 25.39
N HIS B 86 17.12 -14.61 26.12
CA HIS B 86 16.61 -14.47 27.50
C HIS B 86 15.09 -14.64 27.50
N TYR B 87 14.57 -15.15 28.62
CA TYR B 87 13.14 -15.41 28.86
C TYR B 87 12.61 -14.38 29.85
N HIS B 88 11.47 -13.77 29.54
CA HIS B 88 10.82 -12.76 30.41
C HIS B 88 9.45 -13.30 30.77
N GLU B 89 9.36 -13.84 32.01
CA GLU B 89 8.16 -14.61 32.39
C GLU B 89 6.94 -13.72 32.56
N MET B 90 7.10 -12.40 32.67
CA MET B 90 5.96 -11.48 32.71
C MET B 90 5.35 -11.29 31.33
N GLY B 91 6.02 -11.76 30.27
CA GLY B 91 5.42 -11.74 28.94
C GLY B 91 5.52 -10.37 28.26
N SER B 92 4.67 -10.13 27.29
CA SER B 92 4.78 -8.88 26.51
C SER B 92 4.03 -7.76 27.20
N LEU B 93 4.35 -6.54 26.82
CA LEU B 93 3.60 -5.34 27.25
C LEU B 93 2.12 -5.46 26.91
N TYR B 94 1.79 -6.01 25.75
CA TYR B 94 0.40 -6.25 25.32
C TYR B 94 -0.33 -7.12 26.36
N ASP B 95 0.31 -8.18 26.79
CA ASP B 95 -0.28 -9.08 27.85
C ASP B 95 -0.40 -8.30 29.16
N TYR B 96 0.65 -7.61 29.57
CA TYR B 96 0.77 -6.97 30.89
C TYR B 96 -0.32 -5.91 31.06
N LEU B 97 -0.50 -5.06 30.04
CA LEU B 97 -1.44 -3.95 30.13
C LEU B 97 -2.88 -4.43 30.27
N GLN B 98 -3.18 -5.66 29.93
CA GLN B 98 -4.59 -6.16 30.09
C GLN B 98 -4.81 -6.53 31.57
N LEU B 99 -3.76 -6.69 32.34
CA LEU B 99 -3.87 -7.34 33.68
C LEU B 99 -3.70 -6.32 34.78
N THR B 100 -3.20 -5.13 34.48
CA THR B 100 -2.87 -4.19 35.54
C THR B 100 -3.08 -2.78 35.04
N THR B 101 -3.36 -1.92 35.98
CA THR B 101 -3.24 -0.47 35.78
C THR B 101 -1.89 0.00 36.26
N LEU B 102 -1.55 1.21 35.91
CA LEU B 102 -0.24 1.80 36.22
C LEU B 102 -0.38 3.06 37.05
N ASP B 103 0.60 3.31 37.89
CA ASP B 103 0.74 4.63 38.50
C ASP B 103 1.71 5.45 37.68
N THR B 104 1.88 6.71 38.01
CA THR B 104 2.73 7.65 37.23
C THR B 104 4.13 7.08 37.07
N VAL B 105 4.76 6.69 38.17
CA VAL B 105 6.15 6.21 38.17
C VAL B 105 6.27 5.00 37.23
N SER B 106 5.34 4.06 37.28
N SER B 106 5.34 4.05 37.30
CA SER B 106 5.41 2.83 36.48
CA SER B 106 5.42 2.79 36.50
C SER B 106 5.18 3.17 35.02
C SER B 106 5.10 3.07 35.03
N CYS B 107 4.21 4.01 34.73
CA CYS B 107 3.91 4.39 33.33
C CYS B 107 5.17 5.03 32.73
N LEU B 108 5.79 5.97 33.42
CA LEU B 108 6.96 6.68 32.88
C LEU B 108 8.16 5.73 32.77
N ARG B 109 8.36 4.84 33.71
CA ARG B 109 9.46 3.86 33.67
C ARG B 109 9.30 3.01 32.41
N ILE B 110 8.10 2.56 32.12
CA ILE B 110 7.85 1.68 30.96
C ILE B 110 8.18 2.47 29.70
N VAL B 111 7.58 3.64 29.53
CA VAL B 111 7.73 4.31 28.21
C VAL B 111 9.13 4.88 28.06
N LEU B 112 9.81 5.32 29.13
CA LEU B 112 11.20 5.76 29.00
C LEU B 112 12.08 4.57 28.62
N SER B 113 11.80 3.39 29.17
CA SER B 113 12.65 2.21 28.85
C SER B 113 12.52 1.91 27.33
N ILE B 114 11.31 2.01 26.81
CA ILE B 114 11.10 1.70 25.38
C ILE B 114 11.81 2.76 24.55
N ALA B 115 11.70 4.02 24.93
CA ALA B 115 12.39 5.10 24.23
C ALA B 115 13.90 4.89 24.25
N SER B 116 14.41 4.41 25.38
N SER B 116 14.40 4.40 25.38
CA SER B 116 15.87 4.21 25.53
CA SER B 116 15.84 4.19 25.55
C SER B 116 16.29 3.08 24.59
C SER B 116 16.29 3.07 24.62
N GLY B 117 15.53 2.00 24.53
CA GLY B 117 15.83 0.92 23.57
C GLY B 117 15.78 1.42 22.15
N LEU B 118 14.77 2.21 21.83
CA LEU B 118 14.58 2.66 20.44
C LEU B 118 15.68 3.61 20.03
N ALA B 119 16.03 4.54 20.90
CA ALA B 119 17.14 5.47 20.64
C ALA B 119 18.43 4.70 20.47
N HIS B 120 18.65 3.67 21.27
CA HIS B 120 19.82 2.79 21.15
C HIS B 120 19.85 2.14 19.76
N LEU B 121 18.71 1.65 19.30
CA LEU B 121 18.64 1.07 17.93
C LEU B 121 18.97 2.17 16.93
N HIS B 122 18.29 3.29 17.00
CA HIS B 122 18.36 4.30 15.91
C HIS B 122 19.73 4.96 15.80
N ILE B 123 20.47 5.08 16.89
CA ILE B 123 21.72 5.90 16.90
C ILE B 123 22.89 4.99 16.56
N GLU B 124 23.68 5.38 15.54
CA GLU B 124 24.90 4.63 15.18
C GLU B 124 25.97 4.82 16.27
N ILE B 125 26.71 3.76 16.55
CA ILE B 125 27.91 3.76 17.46
C ILE B 125 29.08 3.54 16.50
N PHE B 126 29.95 4.53 16.41
CA PHE B 126 31.04 4.65 15.40
C PHE B 126 32.18 3.67 15.73
N GLY B 127 32.73 3.03 14.68
CA GLY B 127 33.69 1.90 14.74
N GLY B 130 31.56 -1.37 16.51
CA GLY B 130 30.44 -0.44 16.77
C GLY B 130 29.10 -1.07 16.48
N LYS B 131 28.12 -0.24 16.13
CA LYS B 131 26.78 -0.74 15.77
C LYS B 131 26.25 0.25 14.74
N PRO B 132 25.73 -0.28 13.64
CA PRO B 132 25.06 0.58 12.67
C PRO B 132 23.81 1.21 13.30
N ALA B 133 23.31 2.27 12.70
CA ALA B 133 21.96 2.75 12.98
C ALA B 133 21.00 1.65 12.52
N ILE B 134 19.93 1.43 13.29
CA ILE B 134 18.96 0.32 13.02
C ILE B 134 17.55 0.85 13.19
N ALA B 135 16.70 0.61 12.19
CA ALA B 135 15.25 0.84 12.30
C ALA B 135 14.58 -0.50 12.41
N HIS B 136 13.63 -0.59 13.31
CA HIS B 136 12.97 -1.86 13.69
C HIS B 136 11.93 -2.34 12.66
N ARG B 137 10.99 -1.45 12.35
CA ARG B 137 9.94 -1.64 11.31
C ARG B 137 8.77 -2.49 11.77
N ASP B 138 8.76 -3.03 12.97
CA ASP B 138 7.56 -3.74 13.47
C ASP B 138 7.41 -3.49 14.96
N LEU B 139 7.54 -2.24 15.37
CA LEU B 139 7.38 -1.90 16.80
C LEU B 139 5.91 -1.98 17.17
N LYS B 140 5.60 -2.70 18.27
CA LYS B 140 4.22 -2.84 18.74
C LYS B 140 4.28 -3.41 20.15
N SER B 141 3.17 -3.40 20.89
CA SER B 141 3.22 -3.83 22.30
C SER B 141 3.44 -5.34 22.42
N LYS B 142 3.13 -6.16 21.42
CA LYS B 142 3.46 -7.59 21.48
C LYS B 142 4.97 -7.84 21.29
N ASN B 143 5.68 -6.87 20.73
CA ASN B 143 7.14 -6.99 20.47
C ASN B 143 7.95 -6.26 21.51
N ILE B 144 7.34 -5.97 22.65
CA ILE B 144 8.00 -5.39 23.84
C ILE B 144 7.76 -6.33 25.01
N LEU B 145 8.84 -6.71 25.69
CA LEU B 145 8.71 -7.63 26.84
C LEU B 145 8.91 -6.85 28.13
N VAL B 146 8.15 -7.26 29.14
CA VAL B 146 8.24 -6.63 30.50
C VAL B 146 9.19 -7.42 31.39
N LYS B 147 10.08 -6.69 32.03
CA LYS B 147 11.14 -7.25 32.91
C LYS B 147 10.76 -6.97 34.38
N LYS B 148 11.33 -7.80 35.24
CA LYS B 148 10.95 -7.75 36.68
C LYS B 148 11.40 -6.43 37.32
N ASN B 149 12.39 -5.71 36.78
CA ASN B 149 12.75 -4.34 37.22
C ASN B 149 11.80 -3.22 36.73
N GLY B 150 10.72 -3.52 36.00
CA GLY B 150 9.72 -2.52 35.60
C GLY B 150 10.05 -1.83 34.29
N GLN B 151 11.21 -2.14 33.80
CA GLN B 151 11.56 -1.71 32.44
C GLN B 151 11.20 -2.82 31.45
N CYS B 152 11.23 -2.42 30.19
CA CYS B 152 10.88 -3.27 29.06
C CYS B 152 12.07 -3.45 28.13
N CYS B 153 11.95 -4.44 27.26
CA CYS B 153 12.95 -4.59 26.19
C CYS B 153 12.24 -4.86 24.89
N ILE B 154 12.82 -4.33 23.82
CA ILE B 154 12.30 -4.48 22.44
C ILE B 154 12.78 -5.79 21.82
N ALA B 155 11.89 -6.50 21.16
CA ALA B 155 12.13 -7.81 20.54
C ALA B 155 11.75 -7.78 19.07
N ASP B 156 12.26 -8.75 18.36
CA ASP B 156 11.94 -9.12 16.98
C ASP B 156 12.59 -8.15 16.00
N LEU B 157 13.81 -8.50 15.58
CA LEU B 157 14.58 -7.67 14.65
C LEU B 157 14.55 -8.28 13.26
N GLY B 158 13.55 -9.11 12.96
CA GLY B 158 13.48 -9.77 11.64
C GLY B 158 13.18 -8.85 10.51
N LEU B 159 12.70 -7.64 10.70
CA LEU B 159 12.35 -6.70 9.63
C LEU B 159 13.33 -5.53 9.66
N ALA B 160 14.37 -5.57 10.49
CA ALA B 160 15.17 -4.34 10.72
C ALA B 160 15.94 -3.95 9.45
N VAL B 161 16.25 -2.68 9.40
CA VAL B 161 17.07 -2.01 8.34
C VAL B 161 18.27 -1.44 9.05
N MET B 162 19.44 -1.57 8.41
CA MET B 162 20.70 -1.05 9.00
C MET B 162 21.31 0.04 8.13
N HIS B 163 21.94 1.01 8.72
CA HIS B 163 22.57 2.11 7.96
C HIS B 163 23.83 2.54 8.67
N SER B 164 24.85 2.85 7.88
N SER B 164 24.88 2.81 7.90
CA SER B 164 26.15 3.39 8.36
CA SER B 164 26.07 3.49 8.49
C SER B 164 26.38 4.75 7.70
C SER B 164 26.35 4.76 7.72
N GLN B 165 26.33 5.89 8.41
CA GLN B 165 26.56 7.19 7.74
C GLN B 165 28.05 7.31 7.44
N SER B 166 28.86 6.64 8.24
CA SER B 166 30.34 6.67 8.15
C SER B 166 30.78 6.10 6.79
N THR B 167 30.09 5.09 6.26
CA THR B 167 30.49 4.41 4.99
C THR B 167 29.43 4.61 3.91
N ASN B 168 28.37 5.35 4.20
CA ASN B 168 27.25 5.63 3.28
C ASN B 168 26.63 4.32 2.78
N GLN B 169 26.34 3.41 3.69
CA GLN B 169 25.79 2.07 3.34
C GLN B 169 24.40 1.91 3.97
N LEU B 170 23.44 1.47 3.16
CA LEU B 170 22.07 1.17 3.60
C LEU B 170 21.77 -0.28 3.27
N ASP B 171 21.37 -1.04 4.28
CA ASP B 171 21.04 -2.47 4.09
C ASP B 171 19.58 -2.68 4.44
N VAL B 172 18.71 -2.73 3.46
CA VAL B 172 17.24 -2.89 3.68
C VAL B 172 16.90 -4.37 3.76
N GLY B 173 17.88 -5.24 3.56
CA GLY B 173 17.69 -6.69 3.65
C GLY B 173 16.82 -7.18 2.52
N ASN B 174 16.50 -8.46 2.62
CA ASN B 174 15.67 -9.19 1.66
C ASN B 174 14.56 -9.88 2.45
N ASN B 175 13.43 -9.19 2.66
CA ASN B 175 12.33 -9.82 3.41
C ASN B 175 11.05 -9.24 2.89
N PRO B 176 10.15 -10.07 2.34
CA PRO B 176 8.85 -9.63 1.82
C PRO B 176 7.84 -9.35 2.93
N ARG B 177 8.18 -9.74 4.16
CA ARG B 177 7.35 -9.42 5.34
C ARG B 177 7.16 -7.91 5.38
N VAL B 178 5.96 -7.51 5.84
CA VAL B 178 5.68 -6.12 6.17
C VAL B 178 5.29 -6.02 7.64
N GLY B 179 5.29 -4.79 8.10
CA GLY B 179 4.93 -4.55 9.50
C GLY B 179 3.51 -4.93 9.84
N THR B 180 3.23 -5.00 11.13
CA THR B 180 1.87 -5.27 11.64
C THR B 180 0.93 -4.18 11.18
N LYS B 181 -0.20 -4.55 10.55
CA LYS B 181 -1.00 -3.55 9.78
C LYS B 181 -1.51 -2.45 10.73
N ARG B 182 -1.95 -2.81 11.91
CA ARG B 182 -2.54 -1.82 12.83
C ARG B 182 -1.58 -0.69 13.16
N TYR B 183 -0.27 -0.97 13.15
CA TYR B 183 0.77 0.02 13.56
C TYR B 183 1.46 0.71 12.40
N MET B 184 1.01 0.44 11.17
CA MET B 184 1.71 0.99 10.00
C MET B 184 1.45 2.49 9.85
N ALA B 185 2.50 3.28 9.61
CA ALA B 185 2.43 4.70 9.37
C ALA B 185 1.69 5.02 8.06
N PRO B 186 1.18 6.24 7.94
CA PRO B 186 0.44 6.61 6.72
C PRO B 186 1.23 6.33 5.43
N GLU B 187 2.52 6.63 5.44
CA GLU B 187 3.37 6.49 4.21
C GLU B 187 3.62 5.02 3.94
N VAL B 188 3.50 4.13 4.91
CA VAL B 188 3.58 2.67 4.67
C VAL B 188 2.24 2.22 4.06
N LEU B 189 1.12 2.66 4.63
CA LEU B 189 -0.21 2.25 4.17
C LEU B 189 -0.52 2.82 2.78
N ASP B 190 0.00 3.97 2.42
CA ASP B 190 -0.26 4.53 1.08
C ASP B 190 0.90 4.20 0.16
N GLU B 191 1.92 3.49 0.66
CA GLU B 191 3.05 2.97 -0.13
C GLU B 191 3.80 4.11 -0.79
N THR B 192 3.80 5.30 -0.26
CA THR B 192 4.63 6.39 -0.78
C THR B 192 5.97 6.51 -0.05
N ILE B 193 6.18 5.77 1.02
CA ILE B 193 7.48 5.79 1.75
C ILE B 193 8.64 5.73 0.78
N GLN B 194 9.67 6.50 1.15
CA GLN B 194 10.90 6.65 0.33
C GLN B 194 11.83 5.50 0.72
N VAL B 195 11.84 4.42 -0.04
CA VAL B 195 12.45 3.14 0.41
C VAL B 195 13.99 3.16 0.45
N ASP B 196 14.61 4.14 -0.21
CA ASP B 196 16.11 4.20 -0.25
C ASP B 196 16.61 5.26 0.73
N CYS B 197 15.78 5.70 1.68
CA CYS B 197 16.11 6.74 2.68
CA CYS B 197 16.19 6.71 2.70
C CYS B 197 16.05 6.13 4.10
N PHE B 198 17.18 6.03 4.79
CA PHE B 198 17.17 5.40 6.12
C PHE B 198 16.24 6.16 7.06
N ASP B 199 16.24 7.48 7.04
CA ASP B 199 15.41 8.27 7.95
C ASP B 199 13.94 7.89 7.78
N SER B 200 13.51 7.52 6.59
CA SER B 200 12.11 7.07 6.40
C SER B 200 11.77 5.96 7.39
N TYR B 201 12.64 5.00 7.58
CA TYR B 201 12.31 3.82 8.43
C TYR B 201 12.32 4.27 9.89
N LYS B 202 13.23 5.16 10.29
CA LYS B 202 13.20 5.62 11.69
C LYS B 202 11.84 6.28 11.94
N ARG B 203 11.34 7.07 11.00
CA ARG B 203 10.10 7.84 11.16
C ARG B 203 8.89 6.88 11.25
N VAL B 204 8.94 5.74 10.62
CA VAL B 204 7.91 4.70 10.75
C VAL B 204 7.92 4.16 12.18
N ASP B 205 9.09 3.96 12.75
CA ASP B 205 9.20 3.49 14.14
C ASP B 205 8.63 4.54 15.08
N ILE B 206 8.85 5.82 14.82
CA ILE B 206 8.33 6.87 15.70
C ILE B 206 6.81 6.85 15.71
N TRP B 207 6.17 6.72 14.55
CA TRP B 207 4.70 6.59 14.45
C TRP B 207 4.26 5.47 15.38
N ALA B 208 4.86 4.29 15.21
CA ALA B 208 4.45 3.11 15.98
C ALA B 208 4.70 3.35 17.45
N PHE B 209 5.82 3.99 17.82
CA PHE B 209 6.07 4.27 19.24
CA PHE B 209 6.10 4.31 19.24
C PHE B 209 4.96 5.16 19.80
N GLY B 210 4.51 6.15 19.04
CA GLY B 210 3.38 7.00 19.49
C GLY B 210 2.17 6.17 19.83
N LEU B 211 1.86 5.18 19.01
CA LEU B 211 0.75 4.26 19.26
C LEU B 211 0.96 3.48 20.56
N VAL B 212 2.16 2.96 20.80
CA VAL B 212 2.49 2.23 22.02
C VAL B 212 2.39 3.17 23.21
N LEU B 213 2.85 4.40 23.10
N LEU B 213 2.84 4.40 23.09
CA LEU B 213 2.70 5.40 24.20
CA LEU B 213 2.74 5.36 24.22
C LEU B 213 1.22 5.51 24.54
C LEU B 213 1.25 5.59 24.55
N TRP B 214 0.37 5.67 23.56
CA TRP B 214 -1.10 5.81 23.77
C TRP B 214 -1.61 4.55 24.48
N GLU B 215 -1.22 3.36 24.05
CA GLU B 215 -1.73 2.10 24.65
C GLU B 215 -1.37 2.08 26.14
N VAL B 216 -0.16 2.49 26.48
CA VAL B 216 0.33 2.48 27.89
C VAL B 216 -0.40 3.58 28.68
N ALA B 217 -0.43 4.80 28.17
CA ALA B 217 -1.00 5.94 28.92
C ALA B 217 -2.43 5.69 29.28
N ARG B 218 -3.22 5.03 28.45
CA ARG B 218 -4.61 4.67 28.77
C ARG B 218 -4.71 3.91 30.08
N ARG B 219 -3.70 3.15 30.43
CA ARG B 219 -3.72 2.29 31.61
C ARG B 219 -3.14 2.98 32.81
N MET B 220 -2.70 4.22 32.74
CA MET B 220 -2.22 5.01 33.89
C MET B 220 -3.42 5.65 34.58
N VAL B 221 -3.58 5.40 35.88
CA VAL B 221 -4.72 5.98 36.63
C VAL B 221 -4.46 7.48 36.91
N SER B 222 -5.49 8.28 36.74
CA SER B 222 -5.46 9.69 37.20
C SER B 222 -6.85 9.99 37.76
N ASN B 223 -6.85 10.61 38.95
CA ASN B 223 -8.10 11.09 39.57
C ASN B 223 -9.16 9.95 39.65
N GLY B 224 -8.71 8.73 39.88
CA GLY B 224 -9.57 7.57 40.06
C GLY B 224 -10.14 7.04 38.75
N ILE B 225 -9.61 7.47 37.60
CA ILE B 225 -10.17 7.06 36.27
C ILE B 225 -9.03 6.36 35.52
N VAL B 226 -9.40 5.33 34.79
CA VAL B 226 -8.47 4.68 33.83
C VAL B 226 -9.29 4.20 32.65
N GLU B 227 -8.66 4.09 31.47
CA GLU B 227 -9.33 3.43 30.33
C GLU B 227 -9.03 1.93 30.33
N ASP B 228 -9.94 1.17 29.73
CA ASP B 228 -9.67 -0.26 29.47
C ASP B 228 -8.55 -0.36 28.43
N TYR B 229 -7.84 -1.47 28.46
CA TYR B 229 -6.84 -1.77 27.41
C TYR B 229 -7.61 -1.86 26.10
N LYS B 230 -7.08 -1.18 25.08
CA LYS B 230 -7.52 -1.34 23.68
C LYS B 230 -6.29 -1.22 22.80
N PRO B 231 -6.26 -1.95 21.69
CA PRO B 231 -5.23 -1.73 20.68
C PRO B 231 -5.52 -0.48 19.87
N PRO B 232 -4.50 0.09 19.20
CA PRO B 232 -4.69 1.26 18.37
C PRO B 232 -5.77 1.03 17.29
N PHE B 233 -6.62 2.01 17.14
CA PHE B 233 -7.72 2.06 16.14
C PHE B 233 -8.77 0.99 16.41
N TYR B 234 -8.93 0.48 17.64
CA TYR B 234 -9.90 -0.57 17.99
C TYR B 234 -11.32 -0.12 17.57
N ASP B 235 -11.64 1.17 17.62
CA ASP B 235 -13.02 1.68 17.49
C ASP B 235 -13.41 1.90 16.05
N VAL B 236 -12.47 1.89 15.09
CA VAL B 236 -12.71 2.45 13.74
C VAL B 236 -12.45 1.44 12.64
N VAL B 237 -11.86 0.31 12.93
CA VAL B 237 -11.61 -0.77 11.92
C VAL B 237 -12.29 -2.04 12.35
N PRO B 238 -12.56 -2.96 11.41
CA PRO B 238 -13.01 -4.30 11.73
C PRO B 238 -12.00 -5.02 12.62
N ASN B 239 -12.49 -6.05 13.31
CA ASN B 239 -11.56 -7.04 13.90
C ASN B 239 -10.66 -7.60 12.81
N ASP B 240 -9.43 -7.88 13.16
CA ASP B 240 -8.47 -8.48 12.23
C ASP B 240 -8.38 -7.60 10.99
N PRO B 241 -8.06 -6.31 11.15
CA PRO B 241 -8.07 -5.36 10.05
C PRO B 241 -7.08 -5.71 8.94
N SER B 242 -7.54 -5.50 7.73
CA SER B 242 -6.71 -5.64 6.52
C SER B 242 -5.87 -4.38 6.33
N PHE B 243 -4.91 -4.50 5.44
CA PHE B 243 -4.07 -3.38 4.98
C PHE B 243 -4.98 -2.25 4.52
N GLU B 244 -5.98 -2.57 3.68
CA GLU B 244 -6.88 -1.54 3.15
C GLU B 244 -7.76 -0.96 4.24
N ASP B 245 -8.16 -1.76 5.24
CA ASP B 245 -8.94 -1.23 6.38
C ASP B 245 -8.15 -0.13 7.07
N MET B 246 -6.86 -0.42 7.29
CA MET B 246 -6.00 0.55 7.98
C MET B 246 -5.72 1.78 7.12
N ARG B 247 -5.46 1.56 5.84
CA ARG B 247 -5.26 2.68 4.92
C ARG B 247 -6.49 3.62 4.94
N LYS B 248 -7.69 3.02 4.97
CA LYS B 248 -8.92 3.85 5.01
C LYS B 248 -8.88 4.77 6.22
N VAL B 249 -8.64 4.25 7.42
CA VAL B 249 -8.81 5.11 8.60
C VAL B 249 -7.62 6.07 8.73
N VAL B 250 -6.42 5.60 8.48
CA VAL B 250 -5.22 6.45 8.70
C VAL B 250 -5.03 7.44 7.58
N CYS B 251 -5.15 7.01 6.33
CA CYS B 251 -4.78 7.86 5.17
C CYS B 251 -6.04 8.60 4.67
N VAL B 252 -7.15 7.90 4.45
CA VAL B 252 -8.33 8.57 3.86
C VAL B 252 -9.00 9.40 4.97
N ASP B 253 -9.32 8.80 6.11
CA ASP B 253 -10.12 9.44 7.18
C ASP B 253 -9.22 10.31 8.07
N GLN B 254 -7.92 10.24 7.94
CA GLN B 254 -6.91 11.00 8.75
C GLN B 254 -7.13 10.76 10.24
N GLN B 255 -7.50 9.57 10.65
CA GLN B 255 -7.80 9.26 12.07
C GLN B 255 -6.48 9.12 12.84
N ARG B 256 -6.53 9.58 14.07
CA ARG B 256 -5.46 9.34 15.07
C ARG B 256 -6.14 8.85 16.32
N PRO B 257 -5.47 8.08 17.18
CA PRO B 257 -6.09 7.67 18.44
C PRO B 257 -6.60 8.90 19.23
N ASN B 258 -7.79 8.71 19.78
CA ASN B 258 -8.40 9.82 20.56
C ASN B 258 -7.74 9.93 21.94
N ILE B 259 -7.58 11.16 22.37
CA ILE B 259 -7.04 11.50 23.70
C ILE B 259 -8.22 11.62 24.64
N PRO B 260 -8.36 10.74 25.63
CA PRO B 260 -9.43 10.89 26.61
C PRO B 260 -9.32 12.26 27.28
N ASN B 261 -10.46 12.95 27.43
CA ASN B 261 -10.40 14.28 28.04
C ASN B 261 -9.93 14.23 29.52
N ARG B 262 -10.10 13.12 30.23
CA ARG B 262 -9.60 13.03 31.63
C ARG B 262 -8.09 13.23 31.69
N TRP B 263 -7.34 12.98 30.61
CA TRP B 263 -5.89 13.16 30.64
C TRP B 263 -5.53 14.63 30.92
N PHE B 264 -6.37 15.56 30.48
CA PHE B 264 -6.00 17.00 30.52
C PHE B 264 -6.03 17.53 31.95
N SER B 265 -6.59 16.75 32.91
CA SER B 265 -6.52 17.10 34.34
C SER B 265 -5.17 16.72 34.98
N ASP B 266 -4.40 15.84 34.35
CA ASP B 266 -3.16 15.26 34.92
C ASP B 266 -1.95 15.78 34.16
N PRO B 267 -0.95 16.39 34.83
CA PRO B 267 0.16 16.98 34.10
C PRO B 267 0.96 15.94 33.31
N THR B 268 1.11 14.76 33.84
CA THR B 268 1.90 13.70 33.20
C THR B 268 1.21 13.26 31.89
N LEU B 269 -0.08 12.96 31.97
CA LEU B 269 -0.82 12.51 30.80
C LEU B 269 -0.97 13.67 29.80
N THR B 270 -1.08 14.90 30.25
CA THR B 270 -1.12 16.06 29.31
C THR B 270 0.22 16.08 28.58
N SER B 271 1.35 15.91 29.23
CA SER B 271 2.67 15.91 28.53
C SER B 271 2.75 14.69 27.61
N LEU B 272 2.29 13.52 28.01
CA LEU B 272 2.36 12.36 27.14
C LEU B 272 1.47 12.54 25.90
N ALA B 273 0.30 13.15 26.03
CA ALA B 273 -0.58 13.39 24.86
C ALA B 273 0.16 14.30 23.89
N LYS B 274 0.89 15.30 24.38
CA LYS B 274 1.63 16.22 23.50
C LYS B 274 2.69 15.39 22.78
N LEU B 275 3.41 14.52 23.47
CA LEU B 275 4.47 13.71 22.85
C LEU B 275 3.86 12.80 21.81
N MET B 276 2.76 12.10 22.10
CA MET B 276 2.14 11.20 21.08
C MET B 276 1.81 11.98 19.82
N LYS B 277 1.21 13.14 19.99
CA LYS B 277 0.75 13.91 18.82
C LYS B 277 1.97 14.27 17.98
N GLU B 278 3.15 14.46 18.55
CA GLU B 278 4.36 14.82 17.79
C GLU B 278 5.02 13.56 17.16
N CYS B 279 4.49 12.37 17.43
CA CYS B 279 4.85 11.12 16.71
C CYS B 279 3.92 10.87 15.53
N TRP B 280 2.82 11.58 15.41
CA TRP B 280 1.68 11.22 14.52
C TRP B 280 1.47 12.22 13.39
N TYR B 281 2.38 13.14 13.18
CA TYR B 281 2.23 14.01 12.01
C TYR B 281 2.18 13.20 10.72
N GLN B 282 1.33 13.57 9.76
CA GLN B 282 1.32 12.91 8.43
C GLN B 282 2.67 13.17 7.75
N ASN B 283 3.24 14.35 7.91
CA ASN B 283 4.58 14.65 7.33
C ASN B 283 5.64 13.91 8.16
N PRO B 284 6.27 12.85 7.62
CA PRO B 284 7.18 12.07 8.47
C PRO B 284 8.32 12.89 9.06
N SER B 285 8.83 13.89 8.31
N SER B 285 8.81 13.89 8.32
CA SER B 285 9.98 14.74 8.74
CA SER B 285 9.96 14.75 8.74
C SER B 285 9.61 15.65 9.92
C SER B 285 9.60 15.66 9.93
N ALA B 286 8.32 15.86 10.20
CA ALA B 286 7.83 16.68 11.32
C ALA B 286 7.93 15.90 12.64
N ARG B 287 7.97 14.57 12.55
CA ARG B 287 7.92 13.73 13.77
C ARG B 287 9.18 13.90 14.62
N LEU B 288 9.02 13.75 15.93
CA LEU B 288 10.16 13.77 16.87
C LEU B 288 11.11 12.63 16.58
N THR B 289 12.38 12.79 16.96
CA THR B 289 13.38 11.70 16.96
C THR B 289 13.28 10.90 18.25
N ALA B 290 13.78 9.67 18.21
CA ALA B 290 13.82 8.79 19.38
C ALA B 290 14.60 9.46 20.49
N LEU B 291 15.71 10.10 20.12
CA LEU B 291 16.53 10.77 21.17
C LEU B 291 15.73 11.88 21.85
N ARG B 292 15.00 12.68 21.10
CA ARG B 292 14.20 13.78 21.65
C ARG B 292 13.11 13.19 22.53
N ILE B 293 12.47 12.09 22.10
CA ILE B 293 11.45 11.45 22.96
C ILE B 293 12.09 11.02 24.27
N LYS B 294 13.24 10.37 24.20
CA LYS B 294 13.93 9.89 25.42
C LYS B 294 14.21 11.09 26.34
N LYS B 295 14.70 12.19 25.77
CA LYS B 295 15.06 13.40 26.57
C LYS B 295 13.82 13.96 27.21
N THR B 296 12.72 14.04 26.48
CA THR B 296 11.46 14.60 26.99
C THR B 296 10.94 13.71 28.13
N LEU B 297 10.95 12.39 27.96
CA LEU B 297 10.44 11.46 29.01
C LEU B 297 11.33 11.50 30.23
N THR B 298 12.61 11.80 30.06
CA THR B 298 13.56 11.90 31.19
C THR B 298 13.17 13.11 32.04
N LYS B 299 12.63 14.17 31.43
CA LYS B 299 12.26 15.42 32.15
C LYS B 299 10.83 15.38 32.69
N ILE B 300 9.92 14.53 32.18
CA ILE B 300 8.48 14.43 32.60
C ILE B 300 8.45 13.64 33.92
N ASP B 301 7.58 14.03 34.88
CA ASP B 301 7.37 13.29 36.16
C ASP B 301 5.87 13.25 36.49
C10 LU8 C . -20.62 -3.17 -20.86
C10 LU8 C . -20.52 -3.05 -20.91
C13 LU8 C . -22.49 -0.44 -22.83
C13 LU8 C . -21.65 0.01 -22.94
C15 LU8 C . -24.88 0.19 -23.03
C15 LU8 C . -23.99 0.86 -23.51
C17 LU8 C . -27.44 -0.11 -22.90
C17 LU8 C . -25.47 1.29 -25.52
C20 LU8 C . -26.32 2.16 -22.85
C20 LU8 C . -24.32 3.17 -24.44
C21 LU8 C . -25.27 1.30 -22.10
C21 LU8 C . -23.33 2.20 -23.81
C22 LU8 C . -24.07 -1.73 -21.61
C22 LU8 C . -23.60 -1.19 -22.14
C24 LU8 C . -19.41 -3.61 -21.48
C24 LU8 C . -19.33 -3.53 -21.46
C26 LU8 C . -16.26 -4.00 -21.67
C26 LU8 C . -16.25 -4.03 -21.67
C01 LU8 C . -16.46 -9.02 -21.63
C01 LU8 C . -16.48 -8.97 -21.60
C03 LU8 C . -15.75 -6.71 -21.79
C03 LU8 C . -15.73 -6.73 -21.80
C04 LU8 C . -16.99 -6.24 -21.28
C04 LU8 C . -16.98 -6.28 -21.30
C05 LU8 C . -17.24 -4.91 -21.23
C05 LU8 C . -17.24 -4.93 -21.26
C06 LU8 C . -18.53 -4.38 -20.71
C06 LU8 C . -18.53 -4.40 -20.72
C07 LU8 C . -18.90 -4.76 -19.43
C07 LU8 C . -18.96 -4.80 -19.45
C09 LU8 C . -20.87 -3.56 -19.56
C09 LU8 C . -20.85 -3.48 -19.62
C11 LU8 C . -21.71 -2.29 -21.47
C11 LU8 C . -21.41 -2.05 -21.62
C12 LU8 C . -21.44 -1.24 -22.30
C12 LU8 C . -20.84 -0.97 -22.30
C14 LU8 C . -23.79 -0.68 -22.47
C14 LU8 C . -23.04 -0.13 -22.87
C16 LU8 C . -26.10 -0.66 -23.43
C16 LU8 C . -24.55 0.27 -24.80
C19 LU8 C . -28.05 1.62 -24.50
C19 LU8 C . -23.61 2.48 -26.56
C23 LU8 C . -23.03 -2.53 -21.13
C23 LU8 C . -22.78 -2.17 -21.51
C25 LU8 C . -19.06 -3.27 -22.92
C25 LU8 C . -18.93 -3.13 -22.86
C27 LU8 C . -15.03 -4.47 -22.15
C27 LU8 C . -15.03 -4.49 -22.15
C29 LU8 C . -14.18 -2.23 -22.61
C29 LU8 C . -14.27 -2.26 -22.59
C30 LU8 C . -14.80 -5.81 -22.22
C30 LU8 C . -14.78 -5.82 -22.23
C32 LU8 C . -12.65 -6.74 -21.84
C32 LU8 C . -12.66 -6.76 -21.81
N08 LU8 C . -20.05 -4.33 -18.86
N08 LU8 C . -20.10 -4.34 -18.91
N18 LU8 C . -27.54 1.35 -23.14
N18 LU8 C . -24.80 2.59 -25.72
O02 LU8 C . -15.43 -8.07 -21.91
O02 LU8 C . -15.42 -8.07 -21.91
O28 LU8 C . -13.98 -3.67 -22.54
O28 LU8 C . -14.00 -3.67 -22.56
O31 LU8 C . -13.60 -6.28 -22.74
O31 LU8 C . -13.59 -6.28 -22.72
C1 EDO D . -15.09 -5.85 -10.07
O1 EDO D . -16.13 -6.60 -9.40
C2 EDO D . -15.69 -5.05 -11.17
O2 EDO D . -16.35 -5.83 -12.14
C1 EDO E . -3.93 21.82 -27.28
O1 EDO E . -4.86 22.61 -28.07
C2 EDO E . -3.97 20.35 -27.53
O2 EDO E . -5.29 19.72 -27.54
C1 EDO F . 10.90 16.78 -37.67
O1 EDO F . 10.59 18.05 -37.14
C2 EDO F . 9.91 15.79 -37.21
O2 EDO F . 8.69 15.97 -37.91
C1 EDO G . -11.24 14.35 -33.35
O1 EDO G . -9.95 14.61 -32.85
C2 EDO G . -12.22 15.43 -33.28
O2 EDO G . -11.93 16.65 -33.95
S DMS H . -19.93 -12.05 -7.53
O DMS H . -19.42 -13.40 -8.03
C1 DMS H . -20.34 -12.28 -5.85
C2 DMS H . -18.54 -10.98 -7.28
O1 SRT I . -18.36 -23.73 -38.37
O11 SRT I . -19.68 -22.25 -37.33
C1 SRT I . -19.32 -23.43 -37.62
C2 SRT I . -20.13 -24.58 -37.00
O2 SRT I . -19.37 -25.77 -36.92
C3 SRT I . -20.62 -24.23 -35.59
O3 SRT I . -21.37 -23.02 -35.61
C4 SRT I . -21.42 -25.41 -35.04
O4 SRT I . -20.78 -26.39 -34.59
O41 SRT I . -22.66 -25.33 -35.08
C10 LU8 J . -18.82 -24.84 -12.14
C13 LU8 J . -16.18 -25.02 -9.54
C15 LU8 J . -15.12 -26.78 -8.20
C17 LU8 J . -14.85 -27.60 -5.84
C20 LU8 J . -13.22 -28.25 -7.54
C21 LU8 J . -14.25 -27.92 -8.65
C22 LU8 J . -17.00 -27.21 -9.94
C24 LU8 J . -18.37 -24.16 -13.30
C26 LU8 J . -18.18 -24.01 -16.41
C01 LU8 J . -20.16 -19.36 -16.81
C03 LU8 J . -19.20 -21.56 -17.29
C04 LU8 J . -19.52 -21.96 -16.03
C05 LU8 J . -18.99 -23.17 -15.57
C06 LU8 J . -19.29 -23.80 -14.23
C07 LU8 J . -20.63 -24.21 -14.09
C09 LU8 J . -20.16 -25.18 -12.03
C11 LU8 J . -17.93 -25.30 -11.12
C12 LU8 J . -17.05 -24.48 -10.44
C14 LU8 J . -16.13 -26.37 -9.24
C16 LU8 J . -15.83 -27.25 -6.96
C19 LU8 J . -12.87 -28.87 -5.21
C23 LU8 J . -17.89 -26.68 -10.89
C25 LU8 J . -16.96 -23.71 -13.45
C27 LU8 J . -17.88 -23.57 -17.70
C29 LU8 J . -16.45 -25.43 -18.14
C30 LU8 J . -18.41 -22.36 -18.11
C32 LU8 J . -17.17 -20.87 -19.50
N08 LU8 J . -21.03 -24.82 -12.97
N18 LU8 J . -13.89 -28.63 -6.27
O02 LU8 J . -19.65 -20.35 -17.75
O28 LU8 J . -17.15 -24.28 -18.61
O31 LU8 J . -18.16 -21.91 -19.38
C10 LU8 K . -18.38 -23.23 -7.37
C13 LU8 K . -16.58 -24.55 -4.30
C15 LU8 K . -14.08 -24.30 -3.61
C17 LU8 K . -13.57 -24.44 -1.05
C20 LU8 K . -12.04 -25.30 -2.77
C21 LU8 K . -13.11 -25.45 -3.83
C22 LU8 K . -14.97 -23.45 -5.70
C24 LU8 K . -18.59 -21.96 -8.03
C26 LU8 K . -18.85 -20.04 -10.67
C01 LU8 K . -22.57 -17.60 -8.38
C03 LU8 K . -20.76 -18.27 -9.80
C04 LU8 K . -20.71 -19.52 -9.23
C05 LU8 K . -19.74 -20.43 -9.63
C06 LU8 K . -19.57 -21.77 -8.98
C07 LU8 K . -20.38 -22.86 -9.33
C09 LU8 K . -19.25 -24.23 -7.81
C11 LU8 K . -17.32 -23.52 -6.38
C12 LU8 K . -17.59 -24.28 -5.19
C14 LU8 K . -15.24 -24.16 -4.54
C16 LU8 K . -14.59 -24.14 -2.16
C19 LU8 K . -13.28 -26.86 -1.31
C23 LU8 K . -15.97 -23.14 -6.58
C25 LU8 K . -17.75 -20.77 -7.59
C27 LU8 K . -18.96 -18.83 -11.23
C29 LU8 K . -17.13 -19.20 -12.77
C30 LU8 K . -19.91 -17.93 -10.80
C32 LU8 K . -20.71 -16.29 -12.41
N08 LU8 K . -20.18 -24.05 -8.70
N18 LU8 K . -12.62 -25.52 -1.42
O02 LU8 K . -21.68 -17.32 -9.50
O28 LU8 K . -18.11 -18.32 -12.20
O31 LU8 K . -19.92 -16.67 -11.28
C1 HUH L . 3.90 -12.89 -8.04
C2 HUH L . 4.58 -11.96 -7.27
N4 HUH L . 5.41 -12.02 -9.27
N3 HUH L . 5.51 -11.45 -8.04
N5 HUH L . 4.44 -12.92 -9.22
C1 HUH M . -1.22 25.34 -14.38
C2 HUH M . -1.90 24.15 -14.15
N4 HUH M . -2.14 24.73 -16.23
N3 HUH M . -2.44 23.80 -15.30
N5 HUH M . -1.37 25.70 -15.63
S SO4 N . -22.76 -2.63 -10.96
O1 SO4 N . -21.74 -3.55 -10.60
O2 SO4 N . -22.95 -1.67 -9.90
O3 SO4 N . -22.39 -1.94 -12.16
O4 SO4 N . -24.02 -3.31 -11.23
S SO4 O . -10.78 29.26 -22.09
O1 SO4 O . -9.81 29.51 -21.06
O2 SO4 O . -12.07 29.36 -21.50
O3 SO4 O . -10.54 27.98 -22.66
O4 SO4 O . -10.67 30.25 -23.18
S SO4 P . -10.14 7.87 -32.48
O1 SO4 P . -9.14 8.16 -31.49
O2 SO4 P . -10.54 9.09 -33.16
O3 SO4 P . -11.34 7.26 -31.86
O4 SO4 P . -9.57 6.93 -33.44
C1 EDO Q . -4.62 -9.38 -6.42
O1 EDO Q . -5.71 -9.06 -7.29
C2 EDO Q . -3.75 -10.48 -6.83
O2 EDO Q . -4.38 -11.73 -6.76
C1 EDO R . -14.80 -32.07 -10.30
O1 EDO R . -15.40 -33.05 -9.48
C2 EDO R . -15.69 -30.92 -10.55
O2 EDO R . -16.58 -30.73 -9.48
C1 EDO S . -15.40 32.41 -12.62
O1 EDO S . -15.08 32.80 -11.31
C2 EDO S . -15.41 30.94 -12.85
O2 EDO S . -16.20 30.61 -13.93
C1 EDO T . -13.30 -0.30 -32.77
O1 EDO T . -13.51 -0.42 -34.16
C2 EDO T . -11.89 -0.55 -32.43
O2 EDO T . -11.62 -1.90 -32.12
C1 EDO U . -14.95 23.45 -27.87
O1 EDO U . -13.61 23.89 -28.07
C2 EDO U . -15.16 22.49 -26.73
O2 EDO U . -14.61 22.90 -25.47
C10 LU8 V . 7.96 -14.41 26.19
C13 LU8 V . 5.04 -15.74 28.20
C15 LU8 V . 2.64 -15.31 28.22
C17 LU8 V . 0.27 -14.33 28.35
C20 LU8 V . 0.68 -16.82 28.00
C21 LU8 V . 1.97 -16.33 27.34
C22 LU8 V . 4.19 -14.09 26.62
C24 LU8 V . 8.27 -14.31 24.80
C26 LU8 V . 9.47 -12.89 22.24
C01 LU8 V . 13.09 -16.24 21.30
C03 LU8 V . 11.43 -14.43 21.16
C04 LU8 V . 11.07 -14.64 22.46
C05 LU8 V . 10.07 -13.87 23.05
C06 LU8 V . 9.66 -14.09 24.50
C07 LU8 V . 10.62 -13.95 25.45
C09 LU8 V . 8.99 -14.29 27.07
C11 LU8 V . 6.55 -14.65 26.68
C12 LU8 V . 6.35 -15.53 27.72
C14 LU8 V . 4.00 -15.04 27.62
C16 LU8 V . 1.77 -14.06 28.26
C19 LU8 V . -1.58 -15.90 28.26
C23 LU8 V . 5.48 -13.90 26.14
C25 LU8 V . 7.24 -14.48 23.69
C27 LU8 V . 9.86 -12.68 20.95
C29 LU8 V . 8.26 -10.93 20.62
C30 LU8 V . 10.83 -13.45 20.42
C32 LU8 V . 12.33 -12.53 18.87
N08 LU8 V . 10.27 -14.08 26.79
N18 LU8 V . -0.13 -15.73 28.60
O02 LU8 V . 12.45 -15.19 20.57
O28 LU8 V . 9.33 -11.75 20.10
O31 LU8 V . 11.21 -13.31 19.08
S SO4 W . 13.50 -10.70 33.97
O1 SO4 W . 13.35 -11.99 34.60
O2 SO4 W . 13.60 -9.67 34.97
O3 SO4 W . 14.69 -10.66 33.12
O4 SO4 W . 12.35 -10.52 33.14
C1 EDO X . -10.02 7.69 16.30
O1 EDO X . -11.45 7.29 16.57
C2 EDO X . -9.12 6.57 15.98
O2 EDO X . -9.12 5.43 16.89
S DMS Y . 18.75 19.60 24.86
O DMS Y . 17.58 18.83 25.47
C1 DMS Y . 19.45 18.56 23.64
C2 DMS Y . 18.07 20.84 23.79
C1 HUH Z . 31.66 -0.07 9.02
C2 HUH Z . 30.68 0.84 8.64
N4 HUH Z . 31.70 1.62 10.38
N3 HUH Z . 30.73 1.85 9.46
N5 HUH Z . 32.27 0.43 10.09
C1 HUH AA . 28.72 -0.73 11.64
C2 HUH AA . 29.42 -0.39 12.77
N4 HUH AA . 28.50 1.38 11.93
N3 HUH AA . 29.29 0.92 12.96
N5 HUH AA . 28.17 0.36 11.13
S SO4 BA . 0.26 -14.26 14.36
O1 SO4 BA . 0.50 -14.48 15.77
O2 SO4 BA . -0.63 -13.12 14.20
O3 SO4 BA . -0.37 -15.43 13.79
O4 SO4 BA . 1.50 -13.98 13.68
S SO4 CA . -0.65 -8.63 10.83
O1 SO4 CA . -0.51 -9.06 12.18
O2 SO4 CA . -0.96 -7.27 10.82
O3 SO4 CA . 0.59 -8.84 10.14
O4 SO4 CA . -1.70 -9.38 10.19
C1 EDO DA . 18.28 -7.45 27.77
O1 EDO DA . 16.94 -7.15 28.10
C2 EDO DA . 18.12 -8.99 27.79
O2 EDO DA . 16.78 -9.52 27.71
C1 EDO EA . 0.95 16.82 8.92
O1 EDO EA . 2.33 16.94 9.22
C2 EDO EA . 0.06 17.29 10.02
O2 EDO EA . -0.48 16.22 10.75
C1 EDO FA . -8.12 2.26 39.79
O1 EDO FA . -8.19 3.58 40.30
C2 EDO FA . -8.98 2.12 38.59
O2 EDO FA . -9.80 3.28 38.44
#